data_3DM2
#
_entry.id   3DM2
#
_cell.length_a   135.910
_cell.length_b   109.210
_cell.length_c   71.410
_cell.angle_alpha   90.00
_cell.angle_beta   90.00
_cell.angle_gamma   90.00
#
_symmetry.space_group_name_H-M   'P 21 21 21'
#
loop_
_entity.id
_entity.type
_entity.pdbx_description
1 polymer 'Reverse transcriptase/ribonuclease H'
2 polymer 'p51 RT'
3 non-polymer 'PHOSPHATE ION'
4 non-polymer N-{4-[amino(dihydroxy)-lambda~4~-sulfanyl]-2-methylphenyl}-2-(4-chloro-2-{[3-fluoro-5-(trifluoromethyl)phenyl]carbonyl}phenoxy)acetamide
#
loop_
_entity_poly.entity_id
_entity_poly.type
_entity_poly.pdbx_seq_one_letter_code
_entity_poly.pdbx_strand_id
1 'polypeptide(L)'
;PISPIETVPVKLKPGMDGPKVKQWPLTEEKIKALVEICTEMEKEGKISKIGPENPYNTPVFAIKKKDSTKWRKLVDFREL
NKRTQDFWEVQLGIPHPAGLKKNKSVTVLDVGDAYFSVPLDEDFRKYTAFTIPSINNETPGIRYQYNVLPQGWKGSPAIF
QSSMTKILEPFRKQNPDIVIYQYMDDLYVGSDLEIGQHRTKIEELRQHLLRWGLTTPDKKHQKEPPFLWMGYELHPDKWT
VQPIVLPEKDSWTVNDIQKLVGKLNWASQIYPGIKVRQL(CSD)KLLRGTKALTEVIPLTEEAELELAENREILKEPVHG
VYYDPSKDLIAEIQKQGQGQWTYQIYQEPFKNLKTGKYARMRGAHTNDVKQLTEAVQKITTESIVIWGKTPKFKLPIQKE
TWETWWTEYWQATWIPEWEFVNTPPLVKLWYQLEKEPIVGAETFYVDGAANRETKLGKAGYVTNRGRQKVVTLTDTTNQK
TELQAIYLALQDSGLEVNIVTDSQYALGIIQAQPDQSESELVNQIIEQLIKKEKVYLAWVPAHKGIGGNEQVDKLVSAGI
RKVL
;
A
2 'polypeptide(L)'
;PISPIETVPVKLKPGMDGPKVKQWPLTEEKIKALVEICTEMEKEGKISKIGPENPYNTPVFAIKKKDSTKWRKLVDFREL
NKRTQDFWEVQLGIPHPAGLKKNKSVTVLDVGDAYFSVPLDEDFRKYTAFTIPSINNETPGIRYQYNVLPQGWKGSPAIF
QSSMTKILEPFRKQNPDIVIYQYMDDLYVGSDLEIGQHRTKIEELRQHLLRWGLTTPDKKHQKEPPFLWMGYELHPDKWT
VQPIVLPEKDSWTVNDIQKLVGKLNWASQIYPGIKVRQLCKLLRGTKALTEVIPLTEEAELELAENREILKEPVHGVYYD
PSKDLIAEIQKQGQGQWTYQIYQEPFKNLKTGKYARMRGAHTNDVKQLTEAVQKITTESIVIWGKTPKFKLPIQKETWET
WWTEYWQATWIPEWEFVNTPPLVKLWYQLEKEPIVGAETF
;
B
#
loop_
_chem_comp.id
_chem_comp.type
_chem_comp.name
_chem_comp.formula
GWE non-polymer N-{4-[amino(dihydroxy)-lambda~4~-sulfanyl]-2-methylphenyl}-2-(4-chloro-2-{[3-fluoro-5-(trifluoromethyl)phenyl]carbonyl}phenoxy)acetamide 'C23 H19 Cl F4 N2 O5 S'
PO4 non-polymer 'PHOSPHATE ION' 'O4 P -3'
#
# COMPACT_ATOMS: atom_id res chain seq x y z
N PRO A 1 40.63 -4.95 17.87
CA PRO A 1 40.79 -3.51 18.18
C PRO A 1 39.47 -2.76 18.08
N ILE A 2 39.36 -1.69 18.87
CA ILE A 2 38.16 -0.85 18.88
C ILE A 2 38.34 0.23 17.82
N SER A 3 37.25 0.87 17.43
CA SER A 3 37.29 1.91 16.40
C SER A 3 37.34 3.34 16.94
N PRO A 4 38.12 4.20 16.26
CA PRO A 4 38.23 5.60 16.68
C PRO A 4 37.09 6.37 16.03
N ILE A 5 35.88 5.81 16.12
CA ILE A 5 34.73 6.47 15.56
C ILE A 5 33.77 6.91 16.67
N GLU A 6 33.23 8.11 16.49
CA GLU A 6 32.29 8.73 17.41
C GLU A 6 31.24 7.74 17.91
N THR A 7 30.70 7.99 19.09
CA THR A 7 29.65 7.10 19.61
C THR A 7 28.29 7.69 19.28
N VAL A 8 27.26 6.86 19.33
CA VAL A 8 25.89 7.31 19.06
C VAL A 8 25.20 7.43 20.41
N PRO A 9 24.55 8.57 20.66
CA PRO A 9 23.83 8.84 21.91
C PRO A 9 22.63 7.92 22.17
N VAL A 10 22.83 6.94 23.04
CA VAL A 10 21.77 5.98 23.37
C VAL A 10 21.04 6.30 24.67
N LYS A 11 19.72 6.07 24.64
CA LYS A 11 18.87 6.32 25.79
C LYS A 11 17.95 5.12 26.06
N LEU A 12 17.46 5.03 27.29
CA LEU A 12 16.55 3.96 27.69
C LEU A 12 15.14 4.42 27.41
N LYS A 13 14.21 3.48 27.21
CA LYS A 13 12.83 3.86 26.95
C LYS A 13 12.33 4.83 28.01
N PRO A 14 11.28 5.59 27.69
CA PRO A 14 10.66 6.60 28.56
C PRO A 14 10.57 6.28 30.05
N GLY A 15 11.38 6.99 30.84
CA GLY A 15 11.39 6.83 32.28
C GLY A 15 11.90 5.54 32.90
N MET A 16 11.85 4.43 32.17
CA MET A 16 12.32 3.14 32.67
C MET A 16 13.77 3.23 33.15
N ASP A 17 14.20 2.23 33.93
CA ASP A 17 15.56 2.24 34.45
C ASP A 17 16.40 1.05 34.00
N GLY A 18 17.67 1.09 34.36
CA GLY A 18 18.58 0.02 33.99
C GLY A 18 18.18 -1.28 34.65
N PRO A 19 18.54 -2.42 34.05
CA PRO A 19 18.21 -3.74 34.58
C PRO A 19 18.92 -4.11 35.88
N LYS A 20 18.21 -4.87 36.72
CA LYS A 20 18.72 -5.34 38.00
C LYS A 20 18.33 -6.81 38.09
N VAL A 21 18.86 -7.62 37.16
CA VAL A 21 18.57 -9.05 37.11
C VAL A 21 19.63 -9.88 37.84
N LYS A 22 19.19 -10.66 38.82
CA LYS A 22 20.07 -11.51 39.61
C LYS A 22 20.92 -12.42 38.72
N GLN A 23 22.20 -12.56 39.08
CA GLN A 23 23.10 -13.40 38.31
C GLN A 23 22.87 -14.88 38.58
N TRP A 24 22.48 -15.61 37.54
CA TRP A 24 22.23 -17.06 37.64
C TRP A 24 23.54 -17.69 38.14
N PRO A 25 23.51 -18.38 39.30
CA PRO A 25 24.71 -19.01 39.87
C PRO A 25 25.30 -20.11 38.98
N LEU A 26 26.62 -20.15 38.90
CA LEU A 26 27.30 -21.13 38.06
C LEU A 26 28.25 -22.05 38.81
N THR A 27 28.73 -23.06 38.09
CA THR A 27 29.66 -24.05 38.61
C THR A 27 31.09 -23.49 38.57
N GLU A 28 31.98 -23.99 39.42
CA GLU A 28 33.36 -23.54 39.43
C GLU A 28 34.01 -23.78 38.08
N GLU A 29 33.49 -24.76 37.34
CA GLU A 29 34.05 -25.08 36.02
C GLU A 29 33.68 -24.01 35.00
N LYS A 30 32.54 -23.35 35.22
CA LYS A 30 32.10 -22.32 34.29
C LYS A 30 32.61 -20.94 34.68
N ILE A 31 32.66 -20.68 35.98
CA ILE A 31 33.13 -19.39 36.45
C ILE A 31 34.54 -19.19 35.92
N LYS A 32 35.35 -20.24 36.01
CA LYS A 32 36.73 -20.20 35.55
C LYS A 32 36.84 -19.83 34.08
N ALA A 33 35.98 -20.43 33.25
CA ALA A 33 35.99 -20.15 31.81
C ALA A 33 35.63 -18.70 31.50
N LEU A 34 34.65 -18.16 32.24
CA LEU A 34 34.21 -16.78 32.07
C LEU A 34 35.31 -15.83 32.52
N VAL A 35 35.77 -16.03 33.74
CA VAL A 35 36.86 -15.22 34.30
C VAL A 35 37.91 -15.05 33.21
N GLU A 36 38.27 -16.16 32.58
CA GLU A 36 39.28 -16.10 31.53
C GLU A 36 38.81 -15.28 30.34
N ILE A 37 37.73 -15.72 29.70
CA ILE A 37 37.19 -15.00 28.55
C ILE A 37 37.05 -13.51 28.84
N CYS A 38 36.68 -13.18 30.06
CA CYS A 38 36.49 -11.78 30.44
C CYS A 38 37.80 -11.03 30.63
N THR A 39 38.84 -11.74 31.05
CA THR A 39 40.12 -11.08 31.24
C THR A 39 40.70 -10.73 29.87
N GLU A 40 40.41 -11.59 28.88
CA GLU A 40 40.87 -11.38 27.51
C GLU A 40 40.20 -10.14 26.91
N MET A 41 38.90 -9.99 27.15
CA MET A 41 38.19 -8.85 26.63
C MET A 41 38.68 -7.61 27.35
N GLU A 42 38.76 -7.71 28.65
CA GLU A 42 39.23 -6.61 29.47
C GLU A 42 40.48 -6.01 28.86
N LYS A 43 41.45 -6.86 28.51
CA LYS A 43 42.69 -6.37 27.93
C LYS A 43 42.43 -5.79 26.53
N GLU A 44 41.46 -6.33 25.81
CA GLU A 44 41.15 -5.83 24.47
C GLU A 44 40.45 -4.48 24.56
N GLY A 45 40.07 -4.10 25.79
CA GLY A 45 39.41 -2.83 26.01
C GLY A 45 37.91 -2.87 25.84
N LYS A 46 37.41 -4.05 25.50
CA LYS A 46 35.97 -4.25 25.29
C LYS A 46 35.12 -4.11 26.54
N ILE A 47 35.65 -4.55 27.68
CA ILE A 47 34.91 -4.45 28.93
C ILE A 47 35.76 -3.81 30.00
N SER A 48 35.10 -3.18 30.98
CA SER A 48 35.82 -2.54 32.07
C SER A 48 35.41 -3.10 33.42
N LYS A 49 36.42 -3.42 34.23
CA LYS A 49 36.16 -3.95 35.57
C LYS A 49 35.49 -2.77 36.28
N ILE A 50 34.41 -3.02 37.00
CA ILE A 50 33.75 -1.91 37.70
C ILE A 50 33.40 -2.19 39.16
N GLY A 51 32.95 -1.16 39.87
CA GLY A 51 32.61 -1.30 41.27
C GLY A 51 31.17 -1.58 41.64
N PRO A 52 30.81 -1.37 42.92
CA PRO A 52 29.47 -1.58 43.47
C PRO A 52 28.54 -0.44 43.10
N GLU A 53 29.15 0.68 42.71
CA GLU A 53 28.42 1.87 42.32
C GLU A 53 27.23 1.47 41.44
N ASN A 54 27.50 0.57 40.49
CA ASN A 54 26.47 0.12 39.56
C ASN A 54 25.35 -0.72 40.18
N PRO A 55 24.10 -0.21 40.11
CA PRO A 55 22.92 -0.88 40.66
C PRO A 55 22.30 -1.82 39.63
N TYR A 56 22.85 -1.78 38.41
CA TYR A 56 22.36 -2.58 37.30
C TYR A 56 23.15 -3.88 37.12
N ASN A 57 22.54 -4.85 36.43
CA ASN A 57 23.21 -6.12 36.16
C ASN A 57 22.44 -7.02 35.19
N THR A 58 23.20 -7.73 34.36
CA THR A 58 22.64 -8.65 33.39
C THR A 58 23.30 -10.01 33.58
N PRO A 59 22.52 -11.09 33.46
CA PRO A 59 22.99 -12.46 33.62
C PRO A 59 23.94 -12.95 32.53
N VAL A 60 25.05 -13.55 32.95
CA VAL A 60 26.00 -14.09 32.00
C VAL A 60 25.92 -15.60 32.12
N PHE A 61 26.15 -16.30 31.01
CA PHE A 61 26.07 -17.75 31.02
C PHE A 61 27.32 -18.39 30.41
N ALA A 62 27.28 -19.70 30.28
CA ALA A 62 28.40 -20.44 29.71
C ALA A 62 27.91 -21.57 28.80
N ILE A 63 28.30 -21.49 27.53
CA ILE A 63 27.89 -22.49 26.54
C ILE A 63 29.13 -22.94 25.75
N LYS A 64 28.92 -23.82 24.78
CA LYS A 64 30.01 -24.30 23.95
C LYS A 64 29.52 -24.82 22.60
N LYS A 70 36.12 -25.64 23.72
CA LYS A 70 36.14 -24.73 24.85
C LYS A 70 34.78 -24.10 25.12
N TRP A 71 34.73 -23.17 26.06
CA TRP A 71 33.48 -22.48 26.40
C TRP A 71 33.36 -21.15 25.66
N ARG A 72 32.14 -20.65 25.57
CA ARG A 72 31.84 -19.37 24.92
C ARG A 72 30.87 -18.69 25.89
N LYS A 73 31.06 -17.40 26.17
CA LYS A 73 30.18 -16.70 27.10
C LYS A 73 28.93 -16.15 26.43
N LEU A 74 27.82 -16.14 27.18
CA LEU A 74 26.58 -15.62 26.64
C LEU A 74 25.91 -14.72 27.66
N VAL A 75 25.69 -13.48 27.27
CA VAL A 75 25.05 -12.49 28.13
C VAL A 75 23.60 -12.29 27.68
N ASP A 76 22.67 -12.35 28.64
CA ASP A 76 21.26 -12.19 28.33
C ASP A 76 20.74 -10.77 28.54
N PHE A 77 20.72 -9.99 27.47
CA PHE A 77 20.27 -8.60 27.53
C PHE A 77 18.77 -8.42 27.33
N ARG A 78 18.03 -9.52 27.18
CA ARG A 78 16.58 -9.46 26.96
C ARG A 78 15.94 -8.33 27.78
N GLU A 79 16.37 -8.21 29.02
CA GLU A 79 15.84 -7.19 29.92
C GLU A 79 16.27 -5.79 29.49
N LEU A 80 17.56 -5.63 29.25
CA LEU A 80 18.06 -4.34 28.83
C LEU A 80 17.36 -3.94 27.54
N ASN A 81 17.23 -4.88 26.62
CA ASN A 81 16.59 -4.62 25.33
C ASN A 81 15.16 -4.15 25.51
N LYS A 82 14.52 -4.63 26.57
CA LYS A 82 13.15 -4.24 26.85
C LYS A 82 13.13 -2.78 27.27
N ARG A 83 14.21 -2.33 27.89
CA ARG A 83 14.29 -0.96 28.39
C ARG A 83 15.11 0.00 27.54
N THR A 84 15.56 -0.46 26.38
CA THR A 84 16.36 0.39 25.52
C THR A 84 15.51 1.04 24.44
N GLN A 85 15.80 2.31 24.17
CA GLN A 85 15.07 3.08 23.16
C GLN A 85 14.97 2.30 21.87
N ASP A 86 14.10 2.77 20.98
CA ASP A 86 13.96 2.13 19.67
C ASP A 86 14.91 2.80 18.71
N PHE A 87 15.23 2.10 17.64
CA PHE A 87 16.13 2.63 16.64
C PHE A 87 15.45 2.50 15.31
N TRP A 88 16.02 3.12 14.29
CA TRP A 88 15.43 3.01 12.97
C TRP A 88 15.57 1.53 12.59
N GLU A 89 14.44 0.87 12.30
CA GLU A 89 14.49 -0.55 11.95
C GLU A 89 15.67 -0.91 11.06
N VAL A 90 16.50 -1.83 11.55
CA VAL A 90 17.68 -2.30 10.83
C VAL A 90 17.29 -2.99 9.53
N GLN A 91 17.31 -2.23 8.44
CA GLN A 91 16.98 -2.74 7.10
C GLN A 91 16.12 -4.00 7.17
N LEU A 92 14.80 -3.85 7.07
CA LEU A 92 13.92 -5.01 7.14
C LEU A 92 13.79 -5.80 5.83
N GLY A 93 13.92 -5.11 4.70
CA GLY A 93 13.81 -5.80 3.43
C GLY A 93 15.13 -6.43 3.03
N ILE A 94 15.08 -7.68 2.55
CA ILE A 94 16.29 -8.38 2.13
C ILE A 94 16.50 -8.34 0.62
N PRO A 95 17.76 -8.24 0.18
CA PRO A 95 18.20 -8.18 -1.22
C PRO A 95 17.86 -9.43 -2.03
N HIS A 96 17.22 -9.25 -3.18
CA HIS A 96 16.88 -10.39 -4.03
C HIS A 96 17.80 -10.51 -5.24
N PRO A 97 18.41 -11.68 -5.41
CA PRO A 97 19.33 -12.03 -6.49
C PRO A 97 18.88 -11.58 -7.87
N ALA A 98 17.58 -11.58 -8.11
CA ALA A 98 17.08 -11.16 -9.40
C ALA A 98 17.40 -9.68 -9.59
N GLY A 99 17.71 -8.99 -8.49
CA GLY A 99 18.02 -7.57 -8.56
C GLY A 99 19.48 -7.19 -8.50
N LEU A 100 20.36 -8.14 -8.80
CA LEU A 100 21.80 -7.86 -8.79
C LEU A 100 22.35 -7.64 -10.18
N LYS A 101 22.99 -6.50 -10.39
CA LYS A 101 23.57 -6.21 -11.68
C LYS A 101 24.71 -7.19 -11.76
N LYS A 102 25.03 -7.65 -12.96
CA LYS A 102 26.14 -8.58 -13.10
C LYS A 102 27.45 -7.82 -13.06
N ASN A 103 28.27 -8.16 -12.07
CA ASN A 103 29.58 -7.55 -11.92
C ASN A 103 30.59 -8.57 -12.44
N LYS A 104 31.75 -8.12 -12.90
CA LYS A 104 32.74 -9.05 -13.41
C LYS A 104 33.46 -9.76 -12.27
N SER A 105 33.45 -9.15 -11.09
CA SER A 105 34.12 -9.71 -9.91
C SER A 105 33.48 -9.26 -8.61
N VAL A 106 33.38 -10.18 -7.66
CA VAL A 106 32.79 -9.87 -6.36
C VAL A 106 33.57 -10.47 -5.18
N THR A 107 33.62 -9.72 -4.08
CA THR A 107 34.35 -10.16 -2.89
C THR A 107 33.56 -9.94 -1.61
N VAL A 108 33.46 -10.97 -0.77
CA VAL A 108 32.73 -10.90 0.49
C VAL A 108 33.65 -10.59 1.67
N LEU A 109 33.35 -9.53 2.40
CA LEU A 109 34.17 -9.14 3.56
C LEU A 109 33.39 -9.21 4.86
N ASP A 110 33.69 -10.24 5.64
CA ASP A 110 33.03 -10.47 6.92
C ASP A 110 33.47 -9.54 8.02
N VAL A 111 32.86 -8.37 8.08
CA VAL A 111 33.19 -7.44 9.14
C VAL A 111 32.46 -8.02 10.37
N GLY A 112 32.74 -9.29 10.64
CA GLY A 112 32.13 -10.02 11.74
C GLY A 112 32.05 -9.31 13.06
N ASP A 113 32.92 -9.68 13.99
CA ASP A 113 32.96 -9.06 15.30
C ASP A 113 33.29 -7.58 15.16
N ALA A 114 32.66 -6.92 14.20
CA ALA A 114 32.86 -5.50 14.02
C ALA A 114 31.92 -4.88 15.05
N TYR A 115 31.13 -5.75 15.68
CA TYR A 115 30.20 -5.34 16.73
C TYR A 115 31.07 -4.86 17.88
N PHE A 116 31.97 -5.75 18.30
CA PHE A 116 32.90 -5.49 19.38
C PHE A 116 33.92 -4.43 18.94
N SER A 117 33.90 -4.13 17.64
CA SER A 117 34.79 -3.15 17.06
C SER A 117 34.32 -1.73 17.36
N VAL A 118 33.02 -1.55 17.59
CA VAL A 118 32.48 -0.22 17.85
C VAL A 118 32.21 0.18 19.31
N PRO A 119 32.72 1.36 19.73
CA PRO A 119 32.52 1.82 21.10
C PRO A 119 31.05 2.08 21.44
N LEU A 120 30.74 1.99 22.74
CA LEU A 120 29.39 2.20 23.23
C LEU A 120 29.26 3.57 23.90
N ASP A 121 28.15 4.25 23.64
CA ASP A 121 27.93 5.56 24.24
C ASP A 121 28.21 5.45 25.74
N GLU A 122 29.37 5.97 26.14
CA GLU A 122 29.83 5.95 27.54
C GLU A 122 28.70 6.18 28.53
N ASP A 123 27.83 7.12 28.20
CA ASP A 123 26.70 7.42 29.06
C ASP A 123 25.90 6.15 29.35
N PHE A 124 25.79 5.30 28.34
CA PHE A 124 25.00 4.06 28.42
C PHE A 124 25.66 2.80 28.99
N ARG A 125 26.97 2.69 28.85
CA ARG A 125 27.69 1.52 29.33
C ARG A 125 27.29 0.92 30.67
N LYS A 126 26.96 1.76 31.64
CA LYS A 126 26.58 1.27 32.95
C LYS A 126 25.41 0.28 32.97
N TYR A 127 24.46 0.42 32.03
CA TYR A 127 23.29 -0.46 31.99
C TYR A 127 23.62 -1.86 31.51
N THR A 128 24.83 -2.02 30.97
CA THR A 128 25.31 -3.30 30.44
C THR A 128 26.08 -4.11 31.48
N ALA A 129 26.16 -3.60 32.71
CA ALA A 129 26.89 -4.29 33.77
C ALA A 129 26.37 -5.71 33.99
N PHE A 130 27.30 -6.64 34.16
CA PHE A 130 26.96 -8.05 34.40
C PHE A 130 27.93 -8.57 35.46
N THR A 131 27.66 -9.76 36.01
CA THR A 131 28.52 -10.27 37.07
C THR A 131 28.98 -11.72 36.98
N ILE A 132 30.29 -11.93 37.14
CA ILE A 132 30.87 -13.28 37.13
C ILE A 132 30.83 -13.77 38.57
N PRO A 133 29.90 -14.69 38.87
CA PRO A 133 29.71 -15.28 40.20
C PRO A 133 30.96 -15.77 40.93
N SER A 134 30.73 -16.41 42.06
CA SER A 134 31.81 -16.96 42.86
C SER A 134 31.53 -18.44 43.05
N ILE A 135 32.50 -19.11 43.68
CA ILE A 135 32.42 -20.54 43.93
C ILE A 135 31.28 -20.97 44.86
N GLU A 138 28.57 -17.25 47.09
CA GLU A 138 28.72 -16.88 48.49
C GLU A 138 29.53 -15.60 48.72
N THR A 139 30.64 -15.44 48.00
CA THR A 139 31.46 -14.23 48.14
C THR A 139 31.17 -13.29 46.97
N PRO A 140 31.67 -12.04 47.02
CA PRO A 140 31.45 -11.08 45.95
C PRO A 140 32.04 -11.53 44.62
N GLY A 141 31.23 -11.47 43.57
CA GLY A 141 31.70 -11.87 42.26
C GLY A 141 32.45 -10.74 41.55
N ILE A 142 32.89 -11.00 40.33
CA ILE A 142 33.62 -10.01 39.55
C ILE A 142 32.67 -9.23 38.64
N ARG A 143 32.66 -7.90 38.83
CA ARG A 143 31.80 -6.99 38.07
C ARG A 143 32.43 -6.37 36.83
N TYR A 144 31.63 -6.24 35.77
CA TYR A 144 32.07 -5.65 34.51
C TYR A 144 30.98 -4.83 33.84
N GLN A 145 31.33 -4.22 32.71
CA GLN A 145 30.43 -3.43 31.89
C GLN A 145 31.07 -3.22 30.51
N TYR A 146 30.26 -3.33 29.46
CA TYR A 146 30.72 -3.21 28.07
C TYR A 146 31.13 -1.82 27.63
N ASN A 147 32.30 -1.73 26.98
CA ASN A 147 32.79 -0.46 26.46
C ASN A 147 32.56 -0.42 24.94
N VAL A 148 31.92 -1.48 24.44
CA VAL A 148 31.63 -1.65 23.02
C VAL A 148 30.26 -2.30 22.82
N LEU A 149 29.68 -2.16 21.62
CA LEU A 149 28.37 -2.73 21.32
C LEU A 149 28.35 -4.20 21.73
N PRO A 150 27.44 -4.58 22.65
CA PRO A 150 27.38 -5.98 23.10
C PRO A 150 26.70 -6.91 22.11
N GLN A 151 27.12 -8.17 22.09
CA GLN A 151 26.49 -9.14 21.21
C GLN A 151 25.16 -9.41 21.89
N GLY A 152 24.08 -9.45 21.11
CA GLY A 152 22.77 -9.73 21.66
C GLY A 152 22.01 -8.55 22.22
N TRP A 153 22.57 -7.36 22.10
CA TRP A 153 21.89 -6.18 22.60
C TRP A 153 21.10 -5.56 21.47
N LYS A 154 19.94 -5.03 21.82
CA LYS A 154 19.00 -4.41 20.88
C LYS A 154 19.62 -3.53 19.80
N GLY A 155 20.18 -2.39 20.19
CA GLY A 155 20.75 -1.48 19.21
C GLY A 155 22.06 -1.80 18.51
N SER A 156 22.72 -2.87 18.93
CA SER A 156 24.00 -3.22 18.34
C SER A 156 24.01 -3.31 16.82
N PRO A 157 23.11 -4.11 16.24
CA PRO A 157 23.03 -4.29 14.77
C PRO A 157 22.87 -2.96 14.04
N ALA A 158 21.94 -2.15 14.53
CA ALA A 158 21.69 -0.86 13.92
C ALA A 158 22.95 -0.01 13.97
N ILE A 159 23.47 0.22 15.17
CA ILE A 159 24.66 1.04 15.37
C ILE A 159 25.81 0.58 14.49
N PHE A 160 26.09 -0.71 14.53
CA PHE A 160 27.16 -1.27 13.72
C PHE A 160 26.96 -0.79 12.29
N GLN A 161 25.83 -1.19 11.68
CA GLN A 161 25.54 -0.84 10.32
C GLN A 161 25.83 0.61 9.99
N SER A 162 25.34 1.52 10.83
CA SER A 162 25.59 2.94 10.60
C SER A 162 27.06 3.30 10.64
N SER A 163 27.76 2.76 11.63
CA SER A 163 29.17 3.00 11.81
C SER A 163 29.87 2.63 10.52
N MET A 164 29.59 1.42 10.05
CA MET A 164 30.20 0.95 8.81
C MET A 164 29.94 2.01 7.78
N THR A 165 28.67 2.34 7.63
CA THR A 165 28.22 3.32 6.68
C THR A 165 29.09 4.57 6.60
N LYS A 166 29.25 5.29 7.72
CA LYS A 166 30.09 6.50 7.74
C LYS A 166 31.43 6.12 7.12
N ILE A 167 32.08 5.17 7.76
CA ILE A 167 33.36 4.68 7.33
C ILE A 167 33.37 4.41 5.83
N LEU A 168 32.26 3.91 5.32
CA LEU A 168 32.15 3.60 3.90
C LEU A 168 31.96 4.82 3.00
N GLU A 169 31.29 5.85 3.50
CA GLU A 169 31.03 7.03 2.69
C GLU A 169 32.21 7.51 1.87
N PRO A 170 33.39 7.68 2.48
CA PRO A 170 34.55 8.14 1.72
C PRO A 170 34.79 7.29 0.47
N PHE A 171 35.33 6.08 0.68
CA PHE A 171 35.61 5.17 -0.41
C PHE A 171 34.46 5.17 -1.41
N ARG A 172 33.27 4.83 -0.92
CA ARG A 172 32.09 4.83 -1.78
C ARG A 172 32.16 6.04 -2.72
N LYS A 173 32.40 7.21 -2.13
CA LYS A 173 32.50 8.46 -2.88
C LYS A 173 33.67 8.51 -3.87
N GLN A 174 34.76 7.83 -3.54
CA GLN A 174 35.96 7.81 -4.37
C GLN A 174 35.97 6.77 -5.49
N ASN A 175 35.16 5.72 -5.38
CA ASN A 175 35.11 4.70 -6.41
C ASN A 175 33.68 4.39 -6.81
N PRO A 176 33.12 5.22 -7.71
CA PRO A 176 31.76 5.12 -8.22
C PRO A 176 31.53 3.87 -9.06
N ASP A 177 32.54 3.49 -9.84
CA ASP A 177 32.43 2.31 -10.69
C ASP A 177 32.41 1.04 -9.85
N ILE A 178 32.25 1.21 -8.54
CA ILE A 178 32.24 0.07 -7.63
C ILE A 178 30.97 0.02 -6.79
N VAL A 179 30.57 -1.18 -6.40
CA VAL A 179 29.36 -1.36 -5.62
C VAL A 179 29.54 -2.23 -4.38
N ILE A 180 29.13 -1.69 -3.24
CA ILE A 180 29.21 -2.41 -1.97
C ILE A 180 27.81 -2.66 -1.48
N TYR A 181 27.56 -3.89 -1.03
CA TYR A 181 26.25 -4.20 -0.51
C TYR A 181 26.39 -4.55 0.96
N GLN A 182 25.72 -3.76 1.78
CA GLN A 182 25.75 -3.96 3.21
C GLN A 182 24.67 -4.92 3.62
N TYR A 183 25.07 -5.94 4.35
CA TYR A 183 24.10 -6.92 4.82
C TYR A 183 24.66 -7.62 6.04
N MET A 184 24.05 -7.34 7.18
CA MET A 184 24.47 -7.94 8.43
C MET A 184 25.98 -7.84 8.54
N ASP A 185 26.61 -8.94 8.96
CA ASP A 185 28.05 -9.01 9.14
C ASP A 185 28.92 -8.81 7.91
N ASP A 186 28.35 -8.97 6.73
CA ASP A 186 29.14 -8.86 5.51
C ASP A 186 28.94 -7.64 4.63
N LEU A 187 29.91 -7.48 3.74
CA LEU A 187 29.96 -6.42 2.74
C LEU A 187 30.10 -7.18 1.43
N TYR A 188 29.26 -6.87 0.46
CA TYR A 188 29.38 -7.52 -0.83
C TYR A 188 29.87 -6.48 -1.80
N VAL A 189 31.13 -6.63 -2.17
CA VAL A 189 31.81 -5.69 -3.07
C VAL A 189 32.12 -6.25 -4.46
N GLY A 190 31.49 -5.63 -5.48
CA GLY A 190 31.70 -6.07 -6.84
C GLY A 190 32.08 -4.96 -7.80
N SER A 191 32.52 -5.34 -9.01
CA SER A 191 32.90 -4.37 -10.04
C SER A 191 33.09 -5.03 -11.40
N ASP A 192 33.45 -4.22 -12.39
CA ASP A 192 33.69 -4.71 -13.75
C ASP A 192 35.05 -4.29 -14.26
N LEU A 193 35.89 -3.77 -13.37
CA LEU A 193 37.22 -3.35 -13.78
C LEU A 193 37.98 -4.59 -14.25
N GLU A 194 39.28 -4.62 -14.01
CA GLU A 194 40.09 -5.76 -14.37
C GLU A 194 40.34 -6.47 -13.04
N ILE A 195 40.36 -7.80 -13.07
CA ILE A 195 40.54 -8.56 -11.85
C ILE A 195 41.73 -8.04 -11.07
N GLY A 196 42.70 -7.48 -11.79
CA GLY A 196 43.87 -6.95 -11.12
C GLY A 196 43.42 -5.74 -10.32
N GLN A 197 42.77 -4.83 -11.01
CA GLN A 197 42.30 -3.61 -10.39
C GLN A 197 41.32 -3.88 -9.25
N HIS A 198 40.34 -4.74 -9.49
CA HIS A 198 39.36 -5.09 -8.47
C HIS A 198 40.12 -5.48 -7.20
N ARG A 199 40.89 -6.56 -7.31
CA ARG A 199 41.67 -7.07 -6.21
C ARG A 199 42.40 -5.98 -5.42
N THR A 200 42.91 -4.99 -6.13
CA THR A 200 43.64 -3.90 -5.49
C THR A 200 42.69 -3.05 -4.65
N LYS A 201 41.49 -2.83 -5.16
CA LYS A 201 40.51 -2.04 -4.44
C LYS A 201 40.12 -2.76 -3.18
N ILE A 202 39.79 -4.03 -3.32
CA ILE A 202 39.41 -4.83 -2.17
C ILE A 202 40.45 -4.52 -1.10
N GLU A 203 41.69 -4.83 -1.44
CA GLU A 203 42.82 -4.60 -0.55
C GLU A 203 42.83 -3.17 -0.05
N GLU A 204 42.35 -2.25 -0.87
CA GLU A 204 42.33 -0.86 -0.48
C GLU A 204 41.25 -0.66 0.54
N LEU A 205 40.07 -1.23 0.27
CA LEU A 205 38.96 -1.10 1.19
C LEU A 205 39.43 -1.74 2.48
N ARG A 206 39.71 -3.05 2.40
CA ARG A 206 40.19 -3.81 3.55
C ARG A 206 41.07 -2.91 4.39
N GLN A 207 42.18 -2.47 3.79
CA GLN A 207 43.13 -1.59 4.43
C GLN A 207 42.46 -0.41 5.13
N HIS A 208 41.57 0.25 4.40
CA HIS A 208 40.85 1.42 4.92
C HIS A 208 40.12 1.06 6.22
N LEU A 209 39.50 -0.12 6.24
CA LEU A 209 38.75 -0.57 7.39
C LEU A 209 39.60 -0.72 8.63
N LEU A 210 40.74 -1.39 8.50
CA LEU A 210 41.65 -1.61 9.60
C LEU A 210 42.03 -0.27 10.17
N ARG A 211 41.99 0.73 9.31
CA ARG A 211 42.34 2.10 9.70
C ARG A 211 41.38 2.62 10.76
N TRP A 212 40.23 1.99 10.89
CA TRP A 212 39.25 2.40 11.90
C TRP A 212 39.06 1.27 12.92
N GLY A 213 40.16 0.63 13.29
CA GLY A 213 40.09 -0.46 14.25
C GLY A 213 39.26 -1.63 13.78
N LEU A 214 38.68 -1.51 12.60
CA LEU A 214 37.87 -2.58 12.05
C LEU A 214 38.72 -3.49 11.19
N THR A 215 38.86 -4.74 11.63
CA THR A 215 39.67 -5.74 10.95
C THR A 215 38.88 -6.72 10.08
N THR A 216 39.43 -7.04 8.91
CA THR A 216 38.78 -7.94 7.96
C THR A 216 39.32 -9.38 8.07
N PRO A 217 38.49 -10.39 7.75
CA PRO A 217 38.72 -11.84 7.77
C PRO A 217 40.15 -12.41 7.73
N ASP A 218 40.23 -13.66 7.29
CA ASP A 218 41.48 -14.41 7.18
C ASP A 218 41.34 -15.31 5.95
N LYS A 219 42.44 -15.54 5.24
CA LYS A 219 42.39 -16.40 4.07
C LYS A 219 41.56 -17.63 4.36
N LYS A 220 41.51 -18.00 5.64
CA LYS A 220 40.78 -19.18 6.09
C LYS A 220 39.26 -19.01 6.07
N HIS A 221 38.77 -17.87 6.56
CA HIS A 221 37.33 -17.63 6.61
C HIS A 221 36.77 -17.07 5.32
N GLN A 222 37.65 -16.50 4.49
CA GLN A 222 37.23 -15.94 3.21
C GLN A 222 36.29 -16.91 2.48
N LYS A 223 35.07 -16.47 2.18
CA LYS A 223 34.13 -17.33 1.47
C LYS A 223 34.40 -17.22 -0.03
N GLU A 224 34.07 -18.26 -0.78
CA GLU A 224 34.28 -18.26 -2.22
C GLU A 224 33.06 -18.78 -2.97
N PRO A 225 32.79 -18.21 -4.15
CA PRO A 225 31.65 -18.60 -4.98
C PRO A 225 31.53 -20.13 -5.11
N PRO A 226 30.32 -20.64 -5.39
CA PRO A 226 29.13 -19.81 -5.61
C PRO A 226 28.72 -19.40 -4.23
N PHE A 227 27.76 -18.49 -4.14
CA PHE A 227 27.34 -18.07 -2.83
C PHE A 227 25.92 -18.50 -2.54
N LEU A 228 25.71 -18.94 -1.31
CA LEU A 228 24.41 -19.41 -0.86
C LEU A 228 23.56 -18.25 -0.37
N TRP A 229 22.62 -17.81 -1.21
CA TRP A 229 21.76 -16.72 -0.82
C TRP A 229 20.31 -17.17 -0.74
N MET A 230 19.83 -17.28 0.48
CA MET A 230 18.46 -17.68 0.72
C MET A 230 18.04 -18.90 -0.11
N GLY A 231 18.81 -19.98 0.00
CA GLY A 231 18.48 -21.19 -0.72
C GLY A 231 19.01 -21.29 -2.14
N TYR A 232 19.54 -20.18 -2.63
CA TYR A 232 20.09 -20.13 -3.98
C TYR A 232 21.61 -20.27 -3.91
N GLU A 233 22.21 -20.45 -5.07
CA GLU A 233 23.65 -20.55 -5.19
C GLU A 233 24.00 -19.47 -6.20
N LEU A 234 24.87 -18.56 -5.80
CA LEU A 234 25.23 -17.47 -6.70
C LEU A 234 26.47 -17.68 -7.51
N HIS A 235 26.24 -18.09 -8.75
CA HIS A 235 27.30 -18.34 -9.70
C HIS A 235 27.55 -17.04 -10.47
N PRO A 236 28.81 -16.80 -10.85
CA PRO A 236 29.28 -15.62 -11.57
C PRO A 236 28.41 -15.10 -12.71
N ASP A 237 28.02 -16.00 -13.60
CA ASP A 237 27.22 -15.65 -14.77
C ASP A 237 25.79 -16.16 -14.72
N LYS A 238 25.38 -16.64 -13.56
CA LYS A 238 24.04 -17.14 -13.38
C LYS A 238 23.84 -17.58 -11.94
N TRP A 239 22.62 -17.96 -11.63
CA TRP A 239 22.30 -18.39 -10.29
C TRP A 239 21.51 -19.68 -10.34
N THR A 240 21.65 -20.48 -9.29
CA THR A 240 20.92 -21.72 -9.19
C THR A 240 20.32 -21.85 -7.81
N VAL A 241 19.65 -22.97 -7.61
CA VAL A 241 19.01 -23.23 -6.35
C VAL A 241 19.74 -24.36 -5.63
N GLN A 242 19.89 -24.23 -4.31
CA GLN A 242 20.53 -25.28 -3.55
C GLN A 242 19.59 -26.46 -3.72
N PRO A 243 20.14 -27.68 -3.84
CA PRO A 243 19.30 -28.87 -4.02
C PRO A 243 18.25 -29.00 -2.91
N ILE A 244 17.03 -29.35 -3.29
CA ILE A 244 15.98 -29.54 -2.30
C ILE A 244 15.83 -31.03 -2.02
N VAL A 245 16.07 -31.43 -0.77
CA VAL A 245 16.00 -32.84 -0.39
C VAL A 245 14.69 -33.30 0.24
N LEU A 246 14.05 -34.29 -0.39
CA LEU A 246 12.80 -34.86 0.11
C LEU A 246 13.11 -36.21 0.73
N PRO A 247 13.23 -36.25 2.07
CA PRO A 247 13.54 -37.51 2.76
C PRO A 247 12.66 -38.68 2.35
N GLU A 248 13.24 -39.85 2.26
CA GLU A 248 12.48 -41.03 1.91
C GLU A 248 12.25 -41.76 3.23
N LYS A 249 10.99 -42.07 3.53
CA LYS A 249 10.64 -42.75 4.76
C LYS A 249 9.49 -43.71 4.54
N ASP A 250 9.26 -44.56 5.52
CA ASP A 250 8.18 -45.54 5.50
C ASP A 250 7.21 -45.17 6.63
N SER A 251 7.51 -44.06 7.29
CA SER A 251 6.70 -43.58 8.40
C SER A 251 6.70 -42.05 8.45
N TRP A 252 5.59 -41.44 8.03
CA TRP A 252 5.45 -39.98 8.02
C TRP A 252 4.51 -39.45 9.09
N THR A 253 5.00 -38.53 9.93
CA THR A 253 4.16 -37.95 10.97
C THR A 253 3.52 -36.68 10.43
N VAL A 254 2.56 -36.14 11.16
CA VAL A 254 1.91 -34.91 10.72
C VAL A 254 3.01 -33.88 10.50
N ASN A 255 3.77 -33.64 11.55
CA ASN A 255 4.87 -32.69 11.54
C ASN A 255 5.69 -32.79 10.26
N ASP A 256 6.02 -34.03 9.88
CA ASP A 256 6.82 -34.29 8.69
C ASP A 256 6.13 -33.78 7.43
N ILE A 257 4.86 -34.12 7.32
CA ILE A 257 4.06 -33.75 6.17
C ILE A 257 3.92 -32.24 6.03
N GLN A 258 3.78 -31.54 7.15
CA GLN A 258 3.65 -30.09 7.14
C GLN A 258 4.97 -29.49 6.73
N LYS A 259 6.03 -30.01 7.37
CA LYS A 259 7.38 -29.57 7.11
C LYS A 259 7.62 -29.73 5.63
N LEU A 260 7.29 -30.90 5.12
CA LEU A 260 7.43 -31.24 3.72
C LEU A 260 6.64 -30.30 2.82
N VAL A 261 5.37 -30.12 3.15
CA VAL A 261 4.50 -29.24 2.39
C VAL A 261 5.13 -27.86 2.40
N GLY A 262 5.70 -27.49 3.53
CA GLY A 262 6.33 -26.19 3.64
C GLY A 262 7.41 -26.05 2.60
N LYS A 263 8.40 -26.91 2.67
CA LYS A 263 9.52 -26.89 1.75
C LYS A 263 9.03 -26.93 0.30
N LEU A 264 8.05 -27.80 0.02
CA LEU A 264 7.49 -27.93 -1.33
C LEU A 264 6.75 -26.68 -1.81
N ASN A 265 6.13 -25.95 -0.89
CA ASN A 265 5.43 -24.75 -1.29
C ASN A 265 6.43 -23.75 -1.84
N TRP A 266 7.53 -23.57 -1.10
CA TRP A 266 8.58 -22.64 -1.50
C TRP A 266 9.17 -23.00 -2.85
N ALA A 267 9.22 -24.30 -3.13
CA ALA A 267 9.79 -24.78 -4.37
C ALA A 267 8.89 -24.49 -5.57
N SER A 268 7.59 -24.38 -5.33
CA SER A 268 6.67 -24.11 -6.43
C SER A 268 6.94 -22.74 -7.02
N GLN A 269 7.72 -21.94 -6.31
CA GLN A 269 8.04 -20.62 -6.79
C GLN A 269 9.03 -20.70 -7.94
N ILE A 270 10.05 -21.54 -7.74
CA ILE A 270 11.13 -21.72 -8.71
C ILE A 270 10.86 -22.84 -9.72
N TYR A 271 10.37 -23.97 -9.23
CA TYR A 271 10.10 -25.12 -10.05
C TYR A 271 8.70 -25.16 -10.64
N PRO A 272 8.58 -25.55 -11.91
CA PRO A 272 7.26 -25.61 -12.54
C PRO A 272 6.62 -26.99 -12.32
N GLY A 273 5.34 -27.01 -11.96
CA GLY A 273 4.67 -28.28 -11.79
C GLY A 273 4.55 -28.89 -10.40
N ILE A 274 5.17 -28.28 -9.40
CA ILE A 274 5.08 -28.82 -8.04
C ILE A 274 3.63 -28.77 -7.59
N LYS A 275 3.19 -29.84 -6.91
CA LYS A 275 1.82 -29.93 -6.41
C LYS A 275 1.82 -30.48 -4.98
N VAL A 276 0.85 -30.08 -4.17
CA VAL A 276 0.79 -30.55 -2.78
C VAL A 276 -0.63 -30.86 -2.31
N ARG A 277 -1.57 -30.85 -3.24
CA ARG A 277 -2.98 -31.13 -2.93
C ARG A 277 -3.15 -32.42 -2.15
N GLN A 278 -2.67 -33.51 -2.73
CA GLN A 278 -2.78 -34.83 -2.12
C GLN A 278 -2.04 -34.92 -0.79
N LEU A 279 -0.91 -34.24 -0.71
CA LEU A 279 -0.13 -34.23 0.51
C LEU A 279 -0.89 -33.44 1.58
N CSD A 280 -1.44 -32.30 1.18
CA CSD A 280 -2.20 -31.47 2.09
CB CSD A 280 -2.70 -30.20 1.38
SG CSD A 280 -2.09 -28.51 1.77
C CSD A 280 -3.37 -32.28 2.63
O CSD A 280 -3.68 -32.24 3.82
OD1 CSD A 280 -2.08 -28.41 3.24
OD2 CSD A 280 -2.73 -27.37 1.03
N LYS A 281 -4.03 -33.05 1.74
CA LYS A 281 -5.16 -33.87 2.14
C LYS A 281 -4.86 -34.68 3.39
N LEU A 282 -3.62 -35.16 3.51
CA LEU A 282 -3.19 -35.97 4.64
C LEU A 282 -3.37 -35.31 6.00
N LEU A 283 -3.42 -33.99 6.02
CA LEU A 283 -3.53 -33.28 7.27
C LEU A 283 -4.94 -33.28 7.86
N ARG A 284 -5.92 -33.65 7.06
CA ARG A 284 -7.32 -33.65 7.50
C ARG A 284 -7.55 -34.37 8.83
N GLY A 285 -8.26 -33.68 9.72
CA GLY A 285 -8.60 -34.25 11.02
C GLY A 285 -7.46 -34.80 11.88
N THR A 286 -6.21 -34.46 11.58
CA THR A 286 -5.10 -34.96 12.37
C THR A 286 -5.24 -34.59 13.85
N LYS A 287 -4.93 -35.54 14.73
CA LYS A 287 -5.04 -35.32 16.17
C LYS A 287 -3.75 -34.89 16.89
N ALA A 288 -2.59 -35.16 16.31
CA ALA A 288 -1.30 -34.77 16.92
C ALA A 288 -0.22 -34.64 15.86
N LEU A 289 0.82 -33.86 16.17
CA LEU A 289 1.91 -33.66 15.22
C LEU A 289 2.70 -34.95 15.03
N THR A 290 2.83 -35.70 16.12
CA THR A 290 3.56 -36.95 16.10
C THR A 290 2.72 -38.06 15.51
N GLU A 291 1.47 -37.74 15.18
CA GLU A 291 0.57 -38.73 14.60
C GLU A 291 1.10 -39.21 13.26
N VAL A 292 1.04 -40.52 13.05
CA VAL A 292 1.53 -41.12 11.81
C VAL A 292 0.40 -41.25 10.80
N ILE A 293 0.52 -40.53 9.69
CA ILE A 293 -0.50 -40.59 8.64
C ILE A 293 0.05 -41.34 7.43
N PRO A 294 -0.51 -42.52 7.13
CA PRO A 294 -0.04 -43.30 5.98
C PRO A 294 -0.34 -42.56 4.67
N LEU A 295 0.65 -42.52 3.77
CA LEU A 295 0.44 -41.83 2.51
C LEU A 295 -0.51 -42.59 1.61
N THR A 296 -1.38 -41.85 0.96
CA THR A 296 -2.35 -42.44 0.05
C THR A 296 -1.58 -42.85 -1.19
N GLU A 297 -2.30 -43.37 -2.17
CA GLU A 297 -1.65 -43.80 -3.40
C GLU A 297 -1.31 -42.54 -4.17
N GLU A 298 -2.24 -41.60 -4.22
CA GLU A 298 -2.01 -40.36 -4.93
C GLU A 298 -0.89 -39.58 -4.28
N ALA A 299 -0.91 -39.56 -2.95
CA ALA A 299 0.11 -38.86 -2.18
C ALA A 299 1.49 -39.41 -2.54
N GLU A 300 1.59 -40.73 -2.60
CA GLU A 300 2.86 -41.38 -2.91
C GLU A 300 3.37 -41.02 -4.29
N LEU A 301 2.45 -40.88 -5.23
CA LEU A 301 2.79 -40.55 -6.61
C LEU A 301 3.23 -39.10 -6.71
N GLU A 302 2.42 -38.21 -6.13
CA GLU A 302 2.72 -36.78 -6.14
C GLU A 302 4.15 -36.62 -5.67
N LEU A 303 4.37 -37.00 -4.41
CA LEU A 303 5.68 -36.95 -3.78
C LEU A 303 6.74 -37.52 -4.71
N ALA A 304 6.35 -38.53 -5.47
CA ALA A 304 7.26 -39.15 -6.41
C ALA A 304 7.61 -38.18 -7.53
N GLU A 305 6.59 -37.69 -8.21
CA GLU A 305 6.83 -36.79 -9.31
C GLU A 305 7.58 -35.53 -8.90
N ASN A 306 7.38 -35.08 -7.67
CA ASN A 306 8.07 -33.89 -7.17
C ASN A 306 9.54 -34.18 -6.92
N ARG A 307 9.85 -35.37 -6.43
CA ARG A 307 11.24 -35.73 -6.18
C ARG A 307 11.99 -35.58 -7.49
N GLU A 308 11.29 -35.86 -8.59
CA GLU A 308 11.87 -35.77 -9.92
C GLU A 308 11.95 -34.34 -10.45
N ILE A 309 10.96 -33.53 -10.10
CA ILE A 309 10.98 -32.14 -10.57
C ILE A 309 12.09 -31.35 -9.88
N LEU A 310 12.49 -31.78 -8.69
CA LEU A 310 13.54 -31.08 -7.96
C LEU A 310 14.93 -31.50 -8.44
N LYS A 311 14.93 -32.46 -9.35
CA LYS A 311 16.17 -32.96 -9.96
C LYS A 311 16.40 -32.10 -11.19
N GLU A 312 15.58 -31.06 -11.32
CA GLU A 312 15.71 -30.16 -12.44
C GLU A 312 16.68 -29.05 -12.10
N PRO A 313 17.58 -28.74 -13.05
CA PRO A 313 18.59 -27.70 -12.92
C PRO A 313 17.98 -26.34 -13.25
N VAL A 314 17.16 -25.85 -12.34
CA VAL A 314 16.54 -24.56 -12.56
C VAL A 314 17.61 -23.51 -12.30
N HIS A 315 17.73 -22.56 -13.22
CA HIS A 315 18.74 -21.51 -13.12
C HIS A 315 18.24 -20.21 -13.76
N GLY A 316 18.89 -19.11 -13.40
CA GLY A 316 18.52 -17.81 -13.96
C GLY A 316 19.73 -16.91 -14.15
N VAL A 317 19.51 -15.78 -14.79
CA VAL A 317 20.59 -14.83 -15.06
C VAL A 317 20.58 -13.69 -14.05
N TYR A 318 21.44 -12.69 -14.27
CA TYR A 318 21.53 -11.52 -13.40
C TYR A 318 20.96 -10.25 -14.04
N TYR A 319 21.01 -9.14 -13.30
CA TYR A 319 20.44 -7.90 -13.84
C TYR A 319 21.29 -7.03 -14.76
N ASP A 320 20.84 -6.90 -16.01
CA ASP A 320 21.52 -6.06 -16.99
C ASP A 320 20.60 -4.87 -17.23
N PRO A 321 20.78 -3.80 -16.45
CA PRO A 321 19.96 -2.59 -16.57
C PRO A 321 19.85 -2.03 -17.98
N SER A 322 20.86 -2.27 -18.81
CA SER A 322 20.84 -1.75 -20.15
C SER A 322 19.84 -2.51 -21.02
N LYS A 323 19.20 -3.53 -20.45
CA LYS A 323 18.23 -4.32 -21.21
C LYS A 323 16.79 -4.25 -20.70
N ASP A 324 15.86 -4.54 -21.59
CA ASP A 324 14.44 -4.50 -21.24
C ASP A 324 14.11 -5.36 -20.05
N LEU A 325 13.01 -5.02 -19.37
CA LEU A 325 12.54 -5.78 -18.23
C LEU A 325 11.13 -6.26 -18.61
N ILE A 326 10.97 -7.57 -18.75
CA ILE A 326 9.71 -8.19 -19.16
C ILE A 326 9.13 -9.20 -18.17
N ALA A 327 7.81 -9.13 -17.98
CA ALA A 327 7.11 -10.03 -17.08
C ALA A 327 5.89 -10.67 -17.74
N GLU A 328 5.93 -12.00 -17.88
CA GLU A 328 4.83 -12.75 -18.47
C GLU A 328 4.05 -13.49 -17.39
N ILE A 329 2.74 -13.51 -17.54
CA ILE A 329 1.86 -14.15 -16.58
C ILE A 329 1.00 -15.25 -17.19
N GLN A 330 0.72 -16.26 -16.38
CA GLN A 330 -0.13 -17.35 -16.82
C GLN A 330 -1.14 -17.68 -15.74
N LYS A 331 -2.27 -18.23 -16.17
CA LYS A 331 -3.30 -18.62 -15.22
C LYS A 331 -3.20 -20.13 -15.12
N GLN A 332 -2.58 -20.60 -14.04
CA GLN A 332 -2.41 -22.02 -13.83
C GLN A 332 -3.74 -22.68 -13.45
N GLY A 333 -4.60 -21.94 -12.76
CA GLY A 333 -5.90 -22.45 -12.35
C GLY A 333 -6.74 -21.25 -11.93
N GLN A 334 -7.96 -21.47 -11.43
CA GLN A 334 -8.78 -20.34 -11.00
C GLN A 334 -8.13 -19.75 -9.75
N GLY A 335 -7.79 -18.47 -9.79
CA GLY A 335 -7.16 -17.83 -8.65
C GLY A 335 -5.66 -18.11 -8.44
N GLN A 336 -5.09 -18.97 -9.28
CA GLN A 336 -3.67 -19.31 -9.19
C GLN A 336 -2.92 -18.70 -10.35
N TRP A 337 -1.95 -17.86 -10.05
CA TRP A 337 -1.19 -17.22 -11.11
C TRP A 337 0.31 -17.46 -11.02
N THR A 338 0.92 -17.72 -12.18
CA THR A 338 2.35 -17.94 -12.26
C THR A 338 2.91 -16.81 -13.12
N TYR A 339 4.17 -16.46 -12.88
CA TYR A 339 4.81 -15.39 -13.63
C TYR A 339 6.33 -15.54 -13.64
N GLN A 340 6.96 -14.96 -14.65
CA GLN A 340 8.41 -15.01 -14.74
C GLN A 340 8.88 -13.67 -15.29
N ILE A 341 9.96 -13.16 -14.73
CA ILE A 341 10.52 -11.89 -15.15
C ILE A 341 11.89 -12.13 -15.73
N TYR A 342 12.01 -11.88 -17.03
CA TYR A 342 13.26 -12.10 -17.76
C TYR A 342 13.59 -10.89 -18.64
N GLN A 343 14.87 -10.72 -18.97
CA GLN A 343 15.26 -9.62 -19.83
C GLN A 343 15.34 -10.10 -21.28
N GLU A 344 15.84 -11.32 -21.47
CA GLU A 344 15.92 -11.93 -22.78
C GLU A 344 15.31 -13.32 -22.64
N PRO A 345 14.45 -13.72 -23.59
CA PRO A 345 13.78 -15.03 -23.58
C PRO A 345 14.46 -16.19 -22.86
N PHE A 346 13.68 -16.90 -22.05
CA PHE A 346 14.13 -18.08 -21.33
C PHE A 346 15.20 -17.84 -20.26
N LYS A 347 15.76 -16.64 -20.24
CA LYS A 347 16.77 -16.31 -19.25
C LYS A 347 16.10 -15.47 -18.16
N ASN A 348 15.35 -16.14 -17.29
CA ASN A 348 14.63 -15.49 -16.22
C ASN A 348 15.59 -14.94 -15.20
N LEU A 349 15.10 -13.96 -14.43
CA LEU A 349 15.87 -13.36 -13.34
C LEU A 349 15.17 -13.86 -12.07
N LYS A 350 13.85 -13.95 -12.18
CA LYS A 350 13.00 -14.38 -11.08
C LYS A 350 11.67 -14.91 -11.61
N THR A 351 11.09 -15.88 -10.90
CA THR A 351 9.80 -16.46 -11.25
C THR A 351 8.95 -16.60 -10.00
N GLY A 352 7.64 -16.69 -10.18
CA GLY A 352 6.76 -16.81 -9.04
C GLY A 352 5.36 -17.32 -9.31
N LYS A 353 4.67 -17.61 -8.22
CA LYS A 353 3.31 -18.12 -8.27
C LYS A 353 2.58 -17.55 -7.06
N TYR A 354 1.34 -17.12 -7.27
CA TYR A 354 0.58 -16.57 -6.18
C TYR A 354 -0.52 -17.53 -5.79
N ALA A 355 -0.53 -17.87 -4.51
CA ALA A 355 -1.51 -18.79 -3.96
C ALA A 355 -2.92 -18.34 -4.27
N ARG A 356 -3.76 -19.29 -4.66
CA ARG A 356 -5.16 -19.02 -4.96
C ARG A 356 -5.72 -18.12 -3.88
N MET A 357 -6.40 -17.06 -4.27
CA MET A 357 -7.01 -16.15 -3.30
C MET A 357 -8.48 -16.54 -3.18
N ARG A 358 -8.95 -16.68 -1.94
CA ARG A 358 -10.34 -17.06 -1.67
C ARG A 358 -11.16 -15.84 -1.24
N GLY A 359 -11.52 -15.00 -2.21
CA GLY A 359 -12.30 -13.81 -1.92
C GLY A 359 -13.76 -14.13 -1.66
N ALA A 360 -14.51 -13.13 -1.18
CA ALA A 360 -15.93 -13.31 -0.91
C ALA A 360 -16.68 -13.36 -2.22
N HIS A 361 -16.08 -12.74 -3.24
CA HIS A 361 -16.63 -12.66 -4.60
C HIS A 361 -15.69 -11.77 -5.39
N THR A 362 -15.39 -12.19 -6.61
CA THR A 362 -14.48 -11.46 -7.48
C THR A 362 -14.49 -12.15 -8.84
N ASN A 363 -13.70 -11.63 -9.77
CA ASN A 363 -13.61 -12.22 -11.10
C ASN A 363 -12.15 -12.30 -11.53
N ASP A 364 -11.88 -13.07 -12.57
CA ASP A 364 -10.50 -13.27 -13.07
C ASP A 364 -9.75 -12.02 -13.54
N VAL A 365 -10.41 -11.15 -14.30
CA VAL A 365 -9.74 -9.95 -14.77
C VAL A 365 -9.26 -9.16 -13.57
N LYS A 366 -10.09 -9.11 -12.53
CA LYS A 366 -9.72 -8.41 -11.32
C LYS A 366 -8.49 -9.10 -10.74
N GLN A 367 -8.59 -10.40 -10.52
CA GLN A 367 -7.45 -11.11 -9.98
C GLN A 367 -6.22 -10.88 -10.83
N LEU A 368 -6.43 -10.66 -12.12
CA LEU A 368 -5.33 -10.44 -13.03
C LEU A 368 -4.60 -9.16 -12.69
N THR A 369 -5.35 -8.10 -12.44
CA THR A 369 -4.71 -6.82 -12.12
C THR A 369 -3.98 -6.94 -10.79
N GLU A 370 -4.54 -7.73 -9.88
CA GLU A 370 -3.93 -7.91 -8.59
C GLU A 370 -2.56 -8.57 -8.70
N ALA A 371 -2.46 -9.53 -9.62
CA ALA A 371 -1.18 -10.20 -9.81
C ALA A 371 -0.21 -9.17 -10.37
N VAL A 372 -0.71 -8.42 -11.36
CA VAL A 372 0.05 -7.38 -12.04
C VAL A 372 0.58 -6.35 -11.06
N GLN A 373 -0.24 -6.04 -10.07
CA GLN A 373 0.11 -5.05 -9.07
C GLN A 373 1.09 -5.56 -8.02
N LYS A 374 1.01 -6.83 -7.66
CA LYS A 374 1.97 -7.35 -6.68
C LYS A 374 3.32 -7.46 -7.36
N ILE A 375 3.30 -7.81 -8.64
CA ILE A 375 4.51 -7.95 -9.42
C ILE A 375 5.17 -6.59 -9.62
N THR A 376 4.32 -5.60 -9.92
CA THR A 376 4.80 -4.25 -10.13
C THR A 376 5.50 -3.76 -8.88
N THR A 377 4.88 -3.97 -7.72
CA THR A 377 5.49 -3.52 -6.50
C THR A 377 6.76 -4.29 -6.24
N GLU A 378 6.76 -5.58 -6.56
CA GLU A 378 7.95 -6.37 -6.36
C GLU A 378 9.11 -5.77 -7.16
N SER A 379 8.89 -5.64 -8.47
CA SER A 379 9.88 -5.10 -9.42
C SER A 379 10.56 -3.83 -8.92
N ILE A 380 9.75 -2.83 -8.64
CA ILE A 380 10.22 -1.56 -8.14
C ILE A 380 11.20 -1.76 -6.95
N VAL A 381 10.90 -2.71 -6.05
CA VAL A 381 11.79 -2.96 -4.92
C VAL A 381 13.09 -3.62 -5.42
N ILE A 382 12.94 -4.61 -6.28
CA ILE A 382 14.08 -5.34 -6.82
C ILE A 382 14.88 -4.52 -7.84
N TRP A 383 14.18 -3.99 -8.84
CA TRP A 383 14.83 -3.20 -9.88
C TRP A 383 14.53 -1.71 -9.87
N GLY A 384 13.50 -1.29 -9.13
CA GLY A 384 13.18 0.11 -9.08
C GLY A 384 12.51 0.59 -10.35
N LYS A 385 12.14 -0.36 -11.20
CA LYS A 385 11.47 -0.06 -12.45
C LYS A 385 10.24 -0.94 -12.48
N THR A 386 9.37 -0.76 -13.46
CA THR A 386 8.21 -1.62 -13.56
C THR A 386 8.36 -2.28 -14.91
N PRO A 387 8.14 -3.59 -14.99
CA PRO A 387 8.25 -4.37 -16.22
C PRO A 387 7.22 -4.05 -17.30
N LYS A 388 7.46 -4.64 -18.47
CA LYS A 388 6.53 -4.49 -19.57
C LYS A 388 5.79 -5.81 -19.44
N PHE A 389 4.46 -5.75 -19.41
CA PHE A 389 3.71 -6.98 -19.23
C PHE A 389 3.21 -7.73 -20.46
N LYS A 390 3.28 -9.05 -20.34
CA LYS A 390 2.79 -9.97 -21.37
C LYS A 390 1.71 -10.73 -20.59
N LEU A 391 0.47 -10.36 -20.87
CA LEU A 391 -0.67 -10.94 -20.18
C LEU A 391 -1.61 -11.71 -21.09
N PRO A 392 -2.05 -12.88 -20.62
CA PRO A 392 -2.96 -13.78 -21.36
C PRO A 392 -4.38 -13.26 -21.46
N ILE A 393 -4.53 -12.01 -21.87
CA ILE A 393 -5.85 -11.40 -22.00
C ILE A 393 -5.84 -10.44 -23.18
N GLN A 394 -6.91 -10.45 -23.96
CA GLN A 394 -6.96 -9.57 -25.11
C GLN A 394 -7.19 -8.13 -24.68
N LYS A 395 -6.78 -7.21 -25.53
CA LYS A 395 -6.92 -5.79 -25.27
C LYS A 395 -8.38 -5.35 -25.32
N GLU A 396 -9.17 -6.06 -26.13
CA GLU A 396 -10.59 -5.75 -26.25
C GLU A 396 -11.27 -6.22 -24.97
N THR A 397 -10.78 -7.34 -24.44
CA THR A 397 -11.34 -7.91 -23.22
C THR A 397 -11.06 -6.92 -22.10
N TRP A 398 -9.80 -6.58 -21.91
CA TRP A 398 -9.42 -5.65 -20.87
C TRP A 398 -10.22 -4.37 -20.98
N GLU A 399 -10.29 -3.84 -22.20
CA GLU A 399 -11.00 -2.61 -22.45
C GLU A 399 -12.46 -2.70 -21.99
N THR A 400 -13.16 -3.76 -22.41
CA THR A 400 -14.56 -3.94 -22.05
C THR A 400 -14.82 -4.06 -20.55
N TRP A 401 -13.87 -4.64 -19.83
CA TRP A 401 -14.09 -4.81 -18.41
C TRP A 401 -13.78 -3.58 -17.56
N TRP A 402 -12.56 -3.07 -17.68
CA TRP A 402 -12.11 -1.91 -16.92
C TRP A 402 -12.93 -0.62 -17.10
N THR A 403 -13.23 -0.25 -18.34
CA THR A 403 -13.98 0.98 -18.58
C THR A 403 -15.30 1.02 -17.83
N GLU A 404 -15.90 -0.14 -17.59
CA GLU A 404 -17.20 -0.20 -16.91
C GLU A 404 -17.19 -0.56 -15.42
N TYR A 405 -16.17 -1.27 -14.95
CA TYR A 405 -16.10 -1.69 -13.54
C TYR A 405 -16.17 -0.56 -12.49
N TRP A 406 -17.06 -0.74 -11.52
CA TRP A 406 -17.28 0.24 -10.44
C TRP A 406 -16.02 0.73 -9.69
N GLN A 407 -15.00 -0.12 -9.64
CA GLN A 407 -13.78 0.23 -8.93
C GLN A 407 -12.69 0.71 -9.87
N ALA A 408 -11.81 1.55 -9.32
CA ALA A 408 -10.70 2.08 -10.10
C ALA A 408 -9.67 0.97 -10.19
N THR A 409 -9.21 0.73 -11.42
CA THR A 409 -8.22 -0.31 -11.71
C THR A 409 -7.27 0.11 -12.83
N TRP A 410 -6.14 -0.58 -12.95
CA TRP A 410 -5.18 -0.26 -14.00
C TRP A 410 -4.02 -1.27 -14.13
N ILE A 411 -3.47 -1.33 -15.34
CA ILE A 411 -2.35 -2.20 -15.63
C ILE A 411 -1.33 -1.37 -16.37
N PRO A 412 -0.09 -1.33 -15.86
CA PRO A 412 0.95 -0.54 -16.55
C PRO A 412 1.07 -1.05 -17.98
N GLU A 413 1.87 -0.36 -18.80
CA GLU A 413 2.05 -0.78 -20.19
C GLU A 413 2.18 -2.28 -20.27
N TRP A 414 1.44 -2.88 -21.18
CA TRP A 414 1.44 -4.32 -21.39
C TRP A 414 1.07 -4.66 -22.81
N GLU A 415 1.10 -5.95 -23.13
CA GLU A 415 0.74 -6.45 -24.45
C GLU A 415 0.15 -7.83 -24.33
N PHE A 416 -0.64 -8.21 -25.33
CA PHE A 416 -1.29 -9.52 -25.37
C PHE A 416 -0.35 -10.62 -25.84
N VAL A 417 -0.37 -11.73 -25.11
CA VAL A 417 0.44 -12.91 -25.45
C VAL A 417 -0.58 -14.04 -25.43
N ASN A 418 -0.82 -14.65 -26.59
CA ASN A 418 -1.80 -15.72 -26.67
C ASN A 418 -1.23 -17.04 -26.17
N THR A 419 -1.27 -17.23 -24.86
CA THR A 419 -0.78 -18.46 -24.25
C THR A 419 -1.82 -18.98 -23.29
N PRO A 420 -2.72 -19.83 -23.78
CA PRO A 420 -3.78 -20.42 -22.96
C PRO A 420 -3.29 -21.04 -21.65
N PRO A 421 -4.19 -21.16 -20.67
CA PRO A 421 -5.55 -20.71 -20.89
C PRO A 421 -5.60 -19.20 -20.79
N LEU A 422 -6.47 -18.59 -21.58
CA LEU A 422 -6.62 -17.14 -21.55
C LEU A 422 -7.68 -16.71 -20.55
N VAL A 423 -7.49 -15.52 -19.98
CA VAL A 423 -8.43 -14.95 -19.01
C VAL A 423 -9.49 -14.12 -19.76
N LYS A 424 -10.75 -14.48 -19.57
CA LYS A 424 -11.86 -13.80 -20.25
C LYS A 424 -13.02 -13.55 -19.32
N LEU A 425 -14.01 -12.81 -19.81
CA LEU A 425 -15.21 -12.50 -19.05
C LEU A 425 -16.15 -13.67 -19.29
N TRP A 426 -16.38 -14.47 -18.25
CA TRP A 426 -17.23 -15.63 -18.38
C TRP A 426 -18.68 -15.35 -18.75
N TYR A 427 -19.09 -14.10 -18.59
CA TYR A 427 -20.44 -13.67 -18.94
C TYR A 427 -20.57 -12.17 -18.72
N GLN A 428 -21.50 -11.56 -19.44
CA GLN A 428 -21.73 -10.14 -19.34
C GLN A 428 -23.23 -9.89 -19.32
N LEU A 429 -23.75 -9.53 -18.16
CA LEU A 429 -25.18 -9.26 -18.01
C LEU A 429 -25.63 -8.27 -19.06
N GLU A 430 -26.87 -8.39 -19.52
CA GLU A 430 -27.37 -7.48 -20.53
C GLU A 430 -27.50 -6.06 -20.02
N LYS A 431 -27.29 -5.09 -20.91
CA LYS A 431 -27.42 -3.69 -20.53
C LYS A 431 -28.90 -3.35 -20.41
N GLU A 432 -29.70 -3.99 -21.26
CA GLU A 432 -31.14 -3.76 -21.31
C GLU A 432 -31.93 -5.06 -21.20
N PRO A 433 -33.24 -4.95 -20.89
CA PRO A 433 -34.10 -6.13 -20.76
C PRO A 433 -34.12 -6.83 -22.10
N ILE A 434 -34.17 -8.16 -22.09
CA ILE A 434 -34.19 -8.92 -23.33
C ILE A 434 -35.60 -9.08 -23.90
N VAL A 435 -35.79 -8.66 -25.14
CA VAL A 435 -37.11 -8.80 -25.75
C VAL A 435 -37.31 -10.23 -26.19
N GLY A 436 -38.52 -10.75 -25.97
CA GLY A 436 -38.83 -12.10 -26.38
C GLY A 436 -38.26 -13.17 -25.45
N ALA A 437 -37.67 -12.74 -24.35
CA ALA A 437 -37.11 -13.68 -23.40
C ALA A 437 -38.07 -13.72 -22.24
N GLU A 438 -38.24 -14.88 -21.64
CA GLU A 438 -39.14 -15.02 -20.51
C GLU A 438 -38.71 -14.04 -19.45
N THR A 439 -39.61 -13.73 -18.53
CA THR A 439 -39.29 -12.82 -17.45
C THR A 439 -39.73 -13.46 -16.14
N PHE A 440 -38.76 -13.94 -15.37
CA PHE A 440 -39.03 -14.58 -14.10
C PHE A 440 -39.00 -13.59 -12.96
N TYR A 441 -40.10 -13.46 -12.25
CA TYR A 441 -40.10 -12.60 -11.09
C TYR A 441 -39.80 -13.57 -9.97
N VAL A 442 -38.58 -13.52 -9.47
CA VAL A 442 -38.16 -14.41 -8.42
C VAL A 442 -38.29 -13.78 -7.05
N ASP A 443 -38.31 -14.62 -6.03
CA ASP A 443 -38.43 -14.15 -4.66
C ASP A 443 -38.24 -15.32 -3.69
N GLY A 444 -37.58 -15.04 -2.57
CA GLY A 444 -37.34 -16.05 -1.56
C GLY A 444 -37.41 -15.45 -0.17
N ALA A 445 -38.05 -16.18 0.73
CA ALA A 445 -38.21 -15.75 2.12
C ALA A 445 -37.94 -16.91 3.08
N ALA A 446 -37.61 -16.59 4.32
CA ALA A 446 -37.34 -17.63 5.30
C ALA A 446 -37.28 -17.10 6.72
N ASN A 447 -37.83 -17.88 7.65
CA ASN A 447 -37.78 -17.49 9.05
C ASN A 447 -36.28 -17.67 9.32
N ARG A 448 -35.59 -16.57 9.58
CA ARG A 448 -34.15 -16.62 9.83
C ARG A 448 -33.83 -17.41 11.08
N GLU A 449 -34.84 -17.51 11.94
CA GLU A 449 -34.70 -18.24 13.17
C GLU A 449 -35.01 -19.72 12.96
N THR A 450 -36.22 -20.03 12.47
CA THR A 450 -36.57 -21.44 12.24
C THR A 450 -35.73 -21.99 11.08
N LYS A 451 -35.10 -21.09 10.34
CA LYS A 451 -34.28 -21.42 9.19
C LYS A 451 -35.02 -22.27 8.18
N LEU A 452 -36.34 -22.07 8.14
CA LEU A 452 -37.21 -22.78 7.20
C LEU A 452 -37.58 -21.71 6.18
N GLY A 453 -37.56 -22.06 4.90
CA GLY A 453 -37.90 -21.09 3.88
C GLY A 453 -38.38 -21.70 2.58
N LYS A 454 -38.81 -20.84 1.68
CA LYS A 454 -39.30 -21.25 0.38
C LYS A 454 -38.71 -20.26 -0.61
N ALA A 455 -38.68 -20.67 -1.87
CA ALA A 455 -38.15 -19.83 -2.93
C ALA A 455 -38.84 -20.28 -4.19
N GLY A 456 -38.87 -19.41 -5.19
CA GLY A 456 -39.52 -19.76 -6.44
C GLY A 456 -39.59 -18.57 -7.36
N TYR A 457 -40.46 -18.67 -8.36
CA TYR A 457 -40.61 -17.60 -9.34
C TYR A 457 -41.97 -17.69 -10.00
N VAL A 458 -42.29 -16.66 -10.78
CA VAL A 458 -43.54 -16.60 -11.51
C VAL A 458 -43.27 -15.80 -12.77
N THR A 459 -42.99 -16.49 -13.87
CA THR A 459 -42.71 -15.79 -15.12
C THR A 459 -43.95 -15.16 -15.75
N ASN A 460 -43.68 -14.33 -16.77
CA ASN A 460 -44.72 -13.63 -17.52
C ASN A 460 -45.50 -14.60 -18.39
N ARG A 461 -44.85 -15.72 -18.72
CA ARG A 461 -45.45 -16.76 -19.54
C ARG A 461 -46.29 -17.73 -18.73
N GLY A 462 -46.49 -17.40 -17.44
CA GLY A 462 -47.30 -18.26 -16.59
C GLY A 462 -46.64 -19.40 -15.85
N ARG A 463 -45.38 -19.70 -16.18
CA ARG A 463 -44.63 -20.79 -15.52
C ARG A 463 -44.37 -20.43 -14.06
N GLN A 464 -44.36 -21.43 -13.19
CA GLN A 464 -44.11 -21.15 -11.79
C GLN A 464 -43.48 -22.29 -11.00
N LYS A 465 -43.15 -21.99 -9.75
CA LYS A 465 -42.54 -22.95 -8.83
C LYS A 465 -42.28 -22.32 -7.47
N VAL A 466 -42.10 -23.18 -6.49
CA VAL A 466 -41.77 -22.79 -5.14
C VAL A 466 -41.14 -24.02 -4.56
N VAL A 467 -40.06 -23.84 -3.84
CA VAL A 467 -39.37 -24.97 -3.25
C VAL A 467 -39.35 -24.72 -1.77
N THR A 468 -39.46 -25.80 -1.00
CA THR A 468 -39.42 -25.71 0.45
C THR A 468 -38.01 -26.08 0.89
N LEU A 469 -37.44 -25.23 1.73
CA LEU A 469 -36.09 -25.46 2.21
C LEU A 469 -36.00 -25.36 3.72
N THR A 470 -35.28 -26.30 4.31
CA THR A 470 -35.06 -26.37 5.75
C THR A 470 -33.60 -26.02 6.02
N ASP A 471 -33.33 -25.42 7.19
CA ASP A 471 -31.97 -25.03 7.56
C ASP A 471 -31.45 -24.06 6.50
N THR A 472 -32.10 -22.91 6.39
CA THR A 472 -31.72 -21.92 5.41
C THR A 472 -31.83 -20.48 5.92
N THR A 473 -31.18 -19.58 5.20
CA THR A 473 -31.19 -18.16 5.53
C THR A 473 -31.95 -17.43 4.44
N ASN A 474 -32.32 -16.19 4.70
CA ASN A 474 -33.06 -15.40 3.73
C ASN A 474 -32.22 -15.17 2.49
N GLN A 475 -30.94 -14.87 2.70
CA GLN A 475 -30.06 -14.63 1.58
C GLN A 475 -30.06 -15.86 0.67
N LYS A 476 -29.82 -17.02 1.27
CA LYS A 476 -29.77 -18.29 0.54
C LYS A 476 -31.03 -18.57 -0.27
N THR A 477 -32.18 -18.20 0.29
CA THR A 477 -33.44 -18.42 -0.41
C THR A 477 -33.49 -17.52 -1.63
N GLU A 478 -33.25 -16.24 -1.41
CA GLU A 478 -33.26 -15.27 -2.49
C GLU A 478 -32.38 -15.68 -3.65
N LEU A 479 -31.16 -16.06 -3.32
CA LEU A 479 -30.20 -16.48 -4.32
C LEU A 479 -30.68 -17.78 -4.95
N GLN A 480 -31.27 -18.62 -4.12
CA GLN A 480 -31.77 -19.90 -4.59
C GLN A 480 -32.92 -19.64 -5.55
N ALA A 481 -33.65 -18.56 -5.29
CA ALA A 481 -34.79 -18.16 -6.11
C ALA A 481 -34.23 -17.87 -7.49
N ILE A 482 -33.12 -17.16 -7.48
CA ILE A 482 -32.44 -16.77 -8.69
C ILE A 482 -31.85 -17.97 -9.42
N TYR A 483 -31.36 -18.92 -8.65
CA TYR A 483 -30.76 -20.12 -9.22
C TYR A 483 -31.77 -20.95 -9.98
N LEU A 484 -32.92 -21.18 -9.35
CA LEU A 484 -33.99 -21.95 -9.95
C LEU A 484 -34.41 -21.28 -11.25
N ALA A 485 -34.63 -19.97 -11.17
CA ALA A 485 -35.03 -19.20 -12.33
C ALA A 485 -34.07 -19.53 -13.46
N LEU A 486 -32.79 -19.52 -13.11
CA LEU A 486 -31.74 -19.81 -14.07
C LEU A 486 -31.86 -21.23 -14.60
N GLN A 487 -32.17 -22.15 -13.71
CA GLN A 487 -32.32 -23.54 -14.10
C GLN A 487 -33.42 -23.71 -15.15
N ASP A 488 -34.62 -23.39 -14.72
CA ASP A 488 -35.83 -23.54 -15.52
C ASP A 488 -35.98 -22.66 -16.74
N SER A 489 -35.26 -21.55 -16.78
CA SER A 489 -35.34 -20.65 -17.92
C SER A 489 -34.69 -21.23 -19.19
N GLY A 490 -34.70 -20.43 -20.25
CA GLY A 490 -34.09 -20.84 -21.50
C GLY A 490 -32.72 -20.18 -21.58
N LEU A 491 -32.12 -20.14 -22.76
CA LEU A 491 -30.80 -19.53 -22.92
C LEU A 491 -30.83 -18.01 -22.81
N GLU A 492 -32.04 -17.47 -22.79
CA GLU A 492 -32.26 -16.03 -22.65
C GLU A 492 -33.30 -15.89 -21.56
N VAL A 493 -33.06 -15.02 -20.58
CA VAL A 493 -34.01 -14.84 -19.50
C VAL A 493 -33.83 -13.53 -18.76
N ASN A 494 -34.94 -12.92 -18.36
CA ASN A 494 -34.90 -11.69 -17.60
C ASN A 494 -35.24 -12.10 -16.18
N ILE A 495 -34.53 -11.55 -15.21
CA ILE A 495 -34.82 -11.92 -13.84
C ILE A 495 -34.95 -10.69 -13.00
N VAL A 496 -36.05 -10.60 -12.26
CA VAL A 496 -36.28 -9.47 -11.38
C VAL A 496 -36.11 -9.99 -9.97
N THR A 497 -35.54 -9.17 -9.10
CA THR A 497 -35.31 -9.59 -7.73
C THR A 497 -35.08 -8.42 -6.80
N ASP A 498 -35.58 -8.55 -5.59
CA ASP A 498 -35.40 -7.50 -4.60
C ASP A 498 -34.17 -7.82 -3.76
N SER A 499 -33.38 -8.80 -4.18
CA SER A 499 -32.18 -9.16 -3.43
C SER A 499 -31.09 -8.08 -3.53
N GLN A 500 -30.60 -7.66 -2.37
CA GLN A 500 -29.56 -6.64 -2.31
C GLN A 500 -28.21 -7.19 -2.78
N TYR A 501 -28.00 -8.48 -2.53
CA TYR A 501 -26.77 -9.14 -2.91
C TYR A 501 -26.74 -9.32 -4.43
N ALA A 502 -27.91 -9.32 -5.04
CA ALA A 502 -28.02 -9.47 -6.49
C ALA A 502 -27.60 -8.15 -7.12
N LEU A 503 -27.90 -7.07 -6.40
CA LEU A 503 -27.56 -5.75 -6.84
C LEU A 503 -26.04 -5.70 -7.05
N GLY A 504 -25.33 -6.33 -6.12
CA GLY A 504 -23.88 -6.35 -6.19
C GLY A 504 -23.39 -7.14 -7.38
N ILE A 505 -24.07 -8.24 -7.65
CA ILE A 505 -23.73 -9.08 -8.77
C ILE A 505 -23.83 -8.29 -10.07
N ILE A 506 -24.88 -7.47 -10.15
CA ILE A 506 -25.12 -6.65 -11.32
C ILE A 506 -23.98 -5.69 -11.52
N GLN A 507 -23.44 -5.23 -10.40
CA GLN A 507 -22.33 -4.28 -10.40
C GLN A 507 -20.98 -4.92 -10.66
N ALA A 508 -20.70 -6.03 -9.97
CA ALA A 508 -19.41 -6.69 -10.09
C ALA A 508 -19.36 -7.98 -10.92
N GLN A 509 -20.52 -8.48 -11.32
CA GLN A 509 -20.58 -9.70 -12.11
C GLN A 509 -19.44 -10.68 -11.82
N PRO A 510 -19.30 -11.07 -10.54
CA PRO A 510 -18.24 -11.99 -10.10
C PRO A 510 -18.33 -13.34 -10.81
N ASP A 511 -17.19 -14.01 -10.95
CA ASP A 511 -17.13 -15.31 -11.59
C ASP A 511 -16.50 -16.31 -10.64
N GLN A 512 -16.63 -16.02 -9.35
CA GLN A 512 -16.11 -16.90 -8.31
C GLN A 512 -16.34 -16.21 -6.98
N SER A 513 -16.71 -16.98 -5.98
CA SER A 513 -16.97 -16.43 -4.65
C SER A 513 -16.74 -17.47 -3.57
N GLU A 514 -17.25 -17.17 -2.37
CA GLU A 514 -17.11 -18.07 -1.23
C GLU A 514 -18.34 -18.95 -1.04
N SER A 515 -19.48 -18.51 -1.58
CA SER A 515 -20.73 -19.28 -1.46
C SER A 515 -20.90 -20.33 -2.54
N GLU A 516 -21.21 -21.55 -2.14
CA GLU A 516 -21.42 -22.61 -3.10
C GLU A 516 -22.58 -22.17 -3.98
N LEU A 517 -23.57 -21.58 -3.32
CA LEU A 517 -24.76 -21.10 -3.98
C LEU A 517 -24.42 -20.18 -5.15
N VAL A 518 -23.80 -19.05 -4.82
CA VAL A 518 -23.39 -18.07 -5.81
C VAL A 518 -22.69 -18.79 -6.94
N ASN A 519 -21.78 -19.66 -6.55
CA ASN A 519 -21.00 -20.44 -7.49
C ASN A 519 -21.93 -21.13 -8.49
N GLN A 520 -22.96 -21.78 -7.97
CA GLN A 520 -23.91 -22.49 -8.83
C GLN A 520 -24.62 -21.51 -9.76
N ILE A 521 -24.92 -20.33 -9.24
CA ILE A 521 -25.60 -19.32 -10.01
C ILE A 521 -24.71 -18.83 -11.13
N ILE A 522 -23.43 -18.68 -10.81
CA ILE A 522 -22.47 -18.23 -11.78
C ILE A 522 -22.38 -19.24 -12.91
N GLU A 523 -22.24 -20.50 -12.54
CA GLU A 523 -22.15 -21.55 -13.54
C GLU A 523 -23.31 -21.36 -14.49
N GLN A 524 -24.50 -21.21 -13.90
CA GLN A 524 -25.71 -21.02 -14.67
C GLN A 524 -25.67 -19.76 -15.51
N LEU A 525 -25.21 -18.67 -14.92
CA LEU A 525 -25.12 -17.42 -15.65
C LEU A 525 -24.23 -17.64 -16.86
N ILE A 526 -23.08 -18.25 -16.62
CA ILE A 526 -22.15 -18.50 -17.68
C ILE A 526 -22.76 -19.23 -18.85
N LYS A 527 -23.58 -20.23 -18.56
CA LYS A 527 -24.20 -21.05 -19.58
C LYS A 527 -25.27 -20.39 -20.46
N LYS A 528 -25.92 -19.34 -19.96
CA LYS A 528 -26.96 -18.66 -20.75
C LYS A 528 -26.36 -17.86 -21.90
N GLU A 529 -27.17 -17.64 -22.93
CA GLU A 529 -26.74 -16.86 -24.09
C GLU A 529 -27.02 -15.39 -23.83
N LYS A 530 -28.06 -15.13 -23.03
CA LYS A 530 -28.44 -13.77 -22.66
C LYS A 530 -29.17 -13.70 -21.33
N VAL A 531 -28.70 -12.82 -20.44
CA VAL A 531 -29.33 -12.66 -19.14
C VAL A 531 -29.39 -11.18 -18.75
N TYR A 532 -30.55 -10.81 -18.21
CA TYR A 532 -30.74 -9.45 -17.74
C TYR A 532 -31.23 -9.57 -16.31
N LEU A 533 -30.48 -8.95 -15.42
CA LEU A 533 -30.82 -8.96 -14.01
C LEU A 533 -31.26 -7.56 -13.63
N ALA A 534 -32.47 -7.46 -13.11
CA ALA A 534 -32.98 -6.18 -12.69
C ALA A 534 -33.32 -6.28 -11.22
N TRP A 535 -33.02 -5.22 -10.49
CA TRP A 535 -33.32 -5.17 -9.08
C TRP A 535 -34.48 -4.21 -8.88
N VAL A 536 -35.29 -4.52 -7.87
CA VAL A 536 -36.44 -3.69 -7.52
C VAL A 536 -36.56 -3.76 -6.01
N PRO A 537 -36.86 -2.62 -5.37
CA PRO A 537 -37.00 -2.60 -3.91
C PRO A 537 -38.08 -3.55 -3.40
N ALA A 538 -37.91 -4.05 -2.19
CA ALA A 538 -38.87 -4.98 -1.60
C ALA A 538 -40.13 -4.28 -1.08
N HIS A 539 -41.29 -4.88 -1.34
CA HIS A 539 -42.58 -4.35 -0.90
C HIS A 539 -43.01 -3.12 -1.70
N THR B 7 14.31 30.78 17.24
CA THR B 7 13.29 29.76 16.97
C THR B 7 12.27 29.63 18.10
N VAL B 8 11.00 29.44 17.74
CA VAL B 8 9.94 29.28 18.72
C VAL B 8 9.80 27.78 19.04
N PRO B 9 9.60 27.44 20.32
CA PRO B 9 9.45 26.04 20.74
C PRO B 9 8.15 25.37 20.35
N VAL B 10 8.24 24.33 19.52
CA VAL B 10 7.06 23.60 19.08
C VAL B 10 7.10 22.23 19.73
N LYS B 11 5.95 21.66 20.01
CA LYS B 11 5.89 20.34 20.62
C LYS B 11 4.73 19.52 20.07
N LEU B 12 4.76 18.23 20.36
CA LEU B 12 3.72 17.34 19.90
C LEU B 12 2.56 17.39 20.86
N LYS B 13 1.37 17.07 20.37
CA LYS B 13 0.20 17.05 21.23
C LYS B 13 0.55 16.20 22.44
N PRO B 14 -0.01 16.52 23.60
CA PRO B 14 0.26 15.76 24.82
C PRO B 14 0.17 14.25 24.59
N GLY B 15 1.18 13.53 25.05
CA GLY B 15 1.19 12.07 24.92
C GLY B 15 1.51 11.52 23.54
N MET B 16 1.57 12.38 22.54
CA MET B 16 1.88 11.94 21.18
C MET B 16 3.37 11.74 20.98
N ASP B 17 3.75 10.61 20.37
CA ASP B 17 5.14 10.32 20.08
C ASP B 17 5.38 10.61 18.60
N GLY B 18 6.65 10.69 18.21
CA GLY B 18 6.99 10.97 16.82
C GLY B 18 6.51 9.93 15.82
N PRO B 19 6.35 10.32 14.55
CA PRO B 19 5.89 9.40 13.51
C PRO B 19 6.96 8.41 13.11
N LYS B 20 6.52 7.19 12.82
CA LYS B 20 7.44 6.14 12.41
C LYS B 20 6.82 5.46 11.20
N VAL B 21 6.50 6.25 10.19
CA VAL B 21 5.89 5.73 8.97
C VAL B 21 6.96 5.16 8.03
N LYS B 22 6.70 3.95 7.54
CA LYS B 22 7.65 3.30 6.65
C LYS B 22 7.62 3.84 5.22
N GLN B 23 8.80 4.01 4.67
CA GLN B 23 8.99 4.51 3.33
C GLN B 23 8.55 3.48 2.32
N TRP B 24 7.75 3.91 1.35
CA TRP B 24 7.32 2.97 0.33
C TRP B 24 8.41 2.94 -0.72
N PRO B 25 8.43 1.88 -1.53
CA PRO B 25 9.47 1.81 -2.55
C PRO B 25 9.28 2.92 -3.58
N LEU B 26 10.39 3.35 -4.17
CA LEU B 26 10.38 4.38 -5.18
C LEU B 26 11.11 3.88 -6.41
N THR B 27 10.82 4.49 -7.55
CA THR B 27 11.49 4.09 -8.78
C THR B 27 12.93 4.63 -8.75
N GLU B 28 13.82 4.00 -9.51
CA GLU B 28 15.22 4.42 -9.58
C GLU B 28 15.21 5.90 -9.93
N GLU B 29 14.45 6.22 -10.98
CA GLU B 29 14.35 7.60 -11.43
C GLU B 29 14.12 8.53 -10.24
N LYS B 30 13.05 8.26 -9.49
CA LYS B 30 12.73 9.08 -8.33
C LYS B 30 13.82 9.07 -7.26
N ILE B 31 14.46 7.94 -7.04
CA ILE B 31 15.50 7.91 -6.03
C ILE B 31 16.63 8.84 -6.39
N LYS B 32 17.11 8.72 -7.63
CA LYS B 32 18.20 9.57 -8.12
C LYS B 32 17.88 11.02 -7.86
N ALA B 33 16.68 11.41 -8.26
CA ALA B 33 16.21 12.78 -8.08
C ALA B 33 16.32 13.26 -6.63
N LEU B 34 15.71 12.53 -5.71
CA LEU B 34 15.72 12.89 -4.29
C LEU B 34 17.14 12.96 -3.76
N VAL B 35 17.96 12.03 -4.22
CA VAL B 35 19.35 12.01 -3.80
C VAL B 35 20.03 13.30 -4.19
N GLU B 36 19.76 13.76 -5.42
CA GLU B 36 20.38 14.98 -5.88
C GLU B 36 19.84 16.14 -5.07
N ILE B 37 18.51 16.24 -5.02
CA ILE B 37 17.85 17.30 -4.27
C ILE B 37 18.34 17.41 -2.83
N CYS B 38 18.34 16.29 -2.12
CA CYS B 38 18.77 16.29 -0.72
C CYS B 38 20.23 16.67 -0.48
N THR B 39 21.14 16.21 -1.35
CA THR B 39 22.53 16.56 -1.15
C THR B 39 22.65 18.08 -1.17
N GLU B 40 21.99 18.70 -2.16
CA GLU B 40 22.03 20.14 -2.31
C GLU B 40 21.51 20.82 -1.03
N MET B 41 20.38 20.34 -0.53
CA MET B 41 19.82 20.92 0.68
C MET B 41 20.76 20.75 1.86
N GLU B 42 21.39 19.58 1.94
CA GLU B 42 22.34 19.30 3.00
C GLU B 42 23.39 20.40 3.05
N LYS B 43 23.95 20.69 1.88
CA LYS B 43 24.96 21.72 1.73
C LYS B 43 24.45 23.05 2.25
N GLU B 44 23.24 23.41 1.83
CA GLU B 44 22.63 24.66 2.23
C GLU B 44 22.14 24.60 3.68
N GLY B 45 22.55 23.55 4.36
CA GLY B 45 22.18 23.37 5.76
C GLY B 45 20.70 23.32 6.06
N LYS B 46 19.90 22.90 5.08
CA LYS B 46 18.45 22.82 5.27
C LYS B 46 18.09 21.52 5.99
N ILE B 47 18.93 20.53 5.81
CA ILE B 47 18.75 19.22 6.42
C ILE B 47 20.12 18.63 6.73
N SER B 48 20.14 17.58 7.55
CA SER B 48 21.38 16.95 7.94
C SER B 48 21.17 15.46 8.12
N LYS B 49 22.20 14.67 7.80
CA LYS B 49 22.08 13.22 7.97
C LYS B 49 21.92 12.91 9.46
N ILE B 50 21.28 11.80 9.75
CA ILE B 50 21.04 11.45 11.12
C ILE B 50 21.43 10.02 11.45
N GLY B 51 21.64 9.78 12.74
CA GLY B 51 22.02 8.46 13.17
C GLY B 51 20.82 7.55 13.28
N PRO B 52 21.03 6.33 13.77
CA PRO B 52 19.95 5.36 13.94
C PRO B 52 19.22 5.57 15.26
N GLU B 53 19.81 6.39 16.12
CA GLU B 53 19.23 6.70 17.42
C GLU B 53 17.90 7.41 17.22
N ASN B 54 17.72 7.98 16.04
CA ASN B 54 16.46 8.65 15.72
C ASN B 54 15.61 7.54 15.09
N PRO B 55 14.55 7.09 15.79
CA PRO B 55 13.64 6.03 15.36
C PRO B 55 12.44 6.46 14.51
N TYR B 56 12.21 7.76 14.40
CA TYR B 56 11.09 8.24 13.63
C TYR B 56 11.34 8.19 12.14
N ASN B 57 10.31 8.53 11.38
CA ASN B 57 10.40 8.59 9.92
C ASN B 57 9.11 9.02 9.29
N THR B 58 9.25 9.60 8.10
CA THR B 58 8.14 10.10 7.33
C THR B 58 8.34 9.77 5.87
N PRO B 59 7.27 9.36 5.20
CA PRO B 59 7.37 9.02 3.78
C PRO B 59 7.80 10.24 3.02
N VAL B 60 8.52 10.00 1.94
CA VAL B 60 9.01 11.04 1.07
C VAL B 60 8.97 10.52 -0.36
N PHE B 61 8.84 11.43 -1.30
CA PHE B 61 8.84 11.07 -2.71
C PHE B 61 9.03 12.29 -3.58
N ALA B 62 9.04 12.07 -4.88
CA ALA B 62 9.26 13.16 -5.82
C ALA B 62 8.12 13.26 -6.81
N ILE B 63 7.82 14.49 -7.22
CA ILE B 63 6.75 14.73 -8.17
C ILE B 63 7.18 15.71 -9.27
N LYS B 64 6.20 16.34 -9.91
CA LYS B 64 6.44 17.29 -10.98
C LYS B 64 5.52 18.51 -10.87
N THR B 69 10.47 20.80 -16.41
CA THR B 69 10.40 19.36 -16.23
C THR B 69 11.54 18.85 -15.33
N LYS B 70 11.41 19.11 -14.05
CA LYS B 70 12.38 18.66 -13.07
C LYS B 70 11.58 18.15 -11.88
N TRP B 71 12.22 17.38 -11.01
CA TRP B 71 11.53 16.83 -9.86
C TRP B 71 11.52 17.75 -8.66
N ARG B 72 10.40 17.74 -7.95
CA ARG B 72 10.23 18.53 -6.74
C ARG B 72 10.11 17.52 -5.59
N LYS B 73 10.71 17.82 -4.45
CA LYS B 73 10.63 16.88 -3.34
C LYS B 73 9.35 17.07 -2.53
N LEU B 74 8.62 15.98 -2.36
CA LEU B 74 7.39 16.02 -1.63
C LEU B 74 7.43 15.06 -0.45
N VAL B 75 7.24 15.60 0.74
CA VAL B 75 7.25 14.79 1.96
C VAL B 75 5.82 14.62 2.46
N ASP B 76 5.49 13.42 2.93
CA ASP B 76 4.14 13.13 3.41
C ASP B 76 4.01 13.30 4.93
N PHE B 77 3.83 14.55 5.36
CA PHE B 77 3.72 14.87 6.79
C PHE B 77 2.35 14.71 7.44
N ARG B 78 1.44 14.02 6.77
CA ARG B 78 0.11 13.83 7.31
C ARG B 78 0.09 13.36 8.76
N GLU B 79 0.95 12.39 9.07
CA GLU B 79 1.05 11.83 10.42
C GLU B 79 1.63 12.79 11.44
N LEU B 80 2.64 13.53 11.01
CA LEU B 80 3.29 14.49 11.86
C LEU B 80 2.35 15.67 12.07
N ASN B 81 1.74 16.13 11.00
CA ASN B 81 0.82 17.24 11.12
C ASN B 81 -0.18 16.88 12.20
N LYS B 82 -0.72 15.66 12.11
CA LYS B 82 -1.70 15.20 13.08
C LYS B 82 -1.21 15.27 14.52
N ARG B 83 0.05 14.90 14.74
CA ARG B 83 0.60 14.85 16.10
C ARG B 83 1.20 16.16 16.58
N THR B 84 1.24 17.13 15.69
CA THR B 84 1.78 18.44 15.99
C THR B 84 0.81 19.32 16.80
N GLN B 85 1.25 19.87 17.93
CA GLN B 85 0.41 20.73 18.75
C GLN B 85 -0.40 21.68 17.84
N ASP B 86 -1.56 22.12 18.30
CA ASP B 86 -2.38 23.03 17.51
C ASP B 86 -1.95 24.48 17.73
N PHE B 87 -2.47 25.38 16.91
CA PHE B 87 -2.11 26.80 17.00
C PHE B 87 -3.31 27.73 17.14
N PRO B 95 -7.61 32.39 9.67
CA PRO B 95 -9.07 32.34 9.52
C PRO B 95 -9.47 32.23 8.05
N HIS B 96 -10.70 31.79 7.78
CA HIS B 96 -11.15 31.64 6.41
C HIS B 96 -11.96 32.84 5.93
N PRO B 97 -11.68 33.29 4.70
CA PRO B 97 -12.36 34.42 4.07
C PRO B 97 -13.47 33.92 3.13
N ALA B 98 -14.71 33.92 3.63
CA ALA B 98 -15.85 33.45 2.85
C ALA B 98 -16.00 34.16 1.50
N GLY B 99 -15.19 35.18 1.26
CA GLY B 99 -15.28 35.91 0.00
C GLY B 99 -14.59 35.25 -1.16
N LEU B 100 -13.56 34.45 -0.86
CA LEU B 100 -12.80 33.77 -1.89
C LEU B 100 -13.73 32.98 -2.82
N LYS B 101 -14.58 32.17 -2.20
CA LYS B 101 -15.52 31.33 -2.94
C LYS B 101 -16.40 32.10 -3.91
N LYS B 102 -16.53 33.41 -3.72
CA LYS B 102 -17.38 34.21 -4.59
C LYS B 102 -16.61 34.84 -5.74
N ASN B 103 -15.33 35.17 -5.50
CA ASN B 103 -14.51 35.78 -6.54
C ASN B 103 -14.71 35.13 -7.90
N LYS B 104 -14.52 35.92 -8.97
CA LYS B 104 -14.68 35.42 -10.32
C LYS B 104 -13.57 34.47 -10.72
N SER B 105 -12.34 34.77 -10.32
CA SER B 105 -11.21 33.90 -10.65
C SER B 105 -10.15 33.81 -9.55
N VAL B 106 -9.59 32.62 -9.36
CA VAL B 106 -8.58 32.40 -8.34
C VAL B 106 -7.37 31.69 -8.91
N THR B 107 -6.19 32.20 -8.60
CA THR B 107 -4.96 31.59 -9.05
C THR B 107 -4.26 31.09 -7.81
N VAL B 108 -3.65 29.90 -7.91
CA VAL B 108 -2.95 29.30 -6.79
C VAL B 108 -1.43 29.44 -6.95
N LEU B 109 -0.74 29.71 -5.85
CA LEU B 109 0.72 29.89 -5.89
C LEU B 109 1.45 29.05 -4.83
N ASP B 110 2.57 28.47 -5.24
CA ASP B 110 3.36 27.66 -4.33
C ASP B 110 4.39 28.52 -3.60
N VAL B 111 4.17 28.72 -2.31
CA VAL B 111 5.05 29.54 -1.50
C VAL B 111 5.78 28.75 -0.41
N GLY B 112 6.07 27.49 -0.69
CA GLY B 112 6.75 26.68 0.29
C GLY B 112 8.21 27.04 0.48
N ASP B 113 8.81 27.64 -0.54
CA ASP B 113 10.22 28.00 -0.47
C ASP B 113 10.48 28.97 0.67
N ALA B 114 9.46 29.77 0.96
CA ALA B 114 9.55 30.76 2.02
C ALA B 114 10.12 30.20 3.32
N TYR B 115 9.65 29.01 3.71
CA TYR B 115 10.05 28.34 4.94
C TYR B 115 11.53 28.06 5.19
N PHE B 116 12.19 27.50 4.18
CA PHE B 116 13.60 27.15 4.29
C PHE B 116 14.47 28.12 5.06
N SER B 117 14.17 29.40 4.90
CA SER B 117 14.92 30.42 5.60
C SER B 117 14.80 30.20 7.11
N VAL B 118 13.55 30.17 7.57
CA VAL B 118 13.26 29.99 8.98
C VAL B 118 13.79 28.67 9.55
N PRO B 119 14.42 28.73 10.72
CA PRO B 119 14.97 27.56 11.40
C PRO B 119 13.91 26.82 12.19
N LEU B 120 14.01 25.50 12.21
CA LEU B 120 13.06 24.70 12.96
C LEU B 120 13.62 24.48 14.37
N ASP B 121 12.78 24.62 15.40
CA ASP B 121 13.27 24.43 16.77
C ASP B 121 14.15 23.20 16.80
N GLU B 122 15.30 23.31 17.45
CA GLU B 122 16.25 22.21 17.53
C GLU B 122 15.71 20.93 18.15
N ASP B 123 14.88 21.06 19.19
CA ASP B 123 14.35 19.90 19.88
C ASP B 123 13.25 19.15 19.13
N PHE B 124 12.75 19.75 18.06
CA PHE B 124 11.65 19.17 17.28
C PHE B 124 12.10 18.48 15.98
N ARG B 125 13.25 18.87 15.48
CA ARG B 125 13.79 18.34 14.23
C ARG B 125 13.80 16.82 14.03
N LYS B 126 14.13 16.09 15.08
CA LYS B 126 14.19 14.64 15.00
C LYS B 126 12.89 14.03 14.45
N TYR B 127 11.78 14.70 14.71
CA TYR B 127 10.49 14.19 14.26
C TYR B 127 10.24 14.35 12.74
N THR B 128 11.10 15.10 12.07
CA THR B 128 10.94 15.31 10.62
C THR B 128 11.79 14.31 9.85
N ALA B 129 12.43 13.42 10.59
CA ALA B 129 13.30 12.41 10.00
C ALA B 129 12.67 11.68 8.83
N PHE B 130 13.38 11.57 7.72
CA PHE B 130 12.84 10.85 6.59
C PHE B 130 13.92 9.96 5.97
N THR B 131 13.50 9.04 5.12
CA THR B 131 14.43 8.08 4.52
C THR B 131 14.36 7.96 3.00
N ILE B 132 15.52 7.89 2.36
CA ILE B 132 15.57 7.69 0.91
C ILE B 132 15.87 6.21 0.72
N PRO B 133 14.97 5.48 0.02
CA PRO B 133 15.10 4.04 -0.25
C PRO B 133 16.17 3.63 -1.26
N SER B 134 16.83 2.49 -0.99
CA SER B 134 17.86 1.98 -1.89
C SER B 134 17.35 0.76 -2.63
N ILE B 135 17.37 0.83 -3.96
CA ILE B 135 16.90 -0.26 -4.81
C ILE B 135 17.38 -1.65 -4.41
N ASN B 136 16.45 -2.59 -4.32
CA ASN B 136 16.76 -3.97 -3.95
C ASN B 136 17.51 -4.04 -2.62
N ASN B 137 17.11 -3.19 -1.68
CA ASN B 137 17.71 -3.14 -0.35
C ASN B 137 19.22 -3.30 -0.35
N GLU B 138 19.88 -2.82 -1.40
CA GLU B 138 21.32 -2.94 -1.50
C GLU B 138 22.06 -2.16 -0.44
N THR B 139 21.49 -1.04 -0.04
CA THR B 139 22.12 -0.19 0.96
C THR B 139 21.10 0.40 1.92
N PRO B 140 21.47 0.55 3.19
CA PRO B 140 20.44 1.15 4.04
C PRO B 140 20.17 2.54 3.46
N GLY B 141 18.93 3.00 3.57
CA GLY B 141 18.59 4.31 3.03
C GLY B 141 19.31 5.44 3.74
N ILE B 142 19.33 6.62 3.11
CA ILE B 142 19.98 7.79 3.68
C ILE B 142 19.02 8.52 4.61
N ARG B 143 19.40 8.65 5.86
CA ARG B 143 18.56 9.32 6.84
C ARG B 143 18.90 10.80 6.98
N TYR B 144 17.84 11.60 7.00
CA TYR B 144 17.95 13.05 7.13
C TYR B 144 16.84 13.52 8.05
N GLN B 145 16.99 14.76 8.51
CA GLN B 145 15.99 15.43 9.34
C GLN B 145 16.11 16.89 8.98
N TYR B 146 15.07 17.67 9.27
CA TYR B 146 15.09 19.08 8.92
C TYR B 146 15.66 19.97 10.01
N ASN B 147 16.28 21.06 9.58
CA ASN B 147 16.88 22.07 10.45
C ASN B 147 16.00 23.30 10.34
N VAL B 148 15.44 23.47 9.15
CA VAL B 148 14.56 24.59 8.87
C VAL B 148 13.12 24.13 8.60
N LEU B 149 12.22 25.09 8.52
CA LEU B 149 10.81 24.78 8.29
C LEU B 149 10.63 23.92 7.04
N PRO B 150 9.98 22.75 7.21
CA PRO B 150 9.74 21.82 6.10
C PRO B 150 8.46 22.19 5.36
N GLN B 151 8.47 22.04 4.05
CA GLN B 151 7.28 22.35 3.28
C GLN B 151 6.36 21.16 3.52
N GLY B 152 5.06 21.43 3.67
CA GLY B 152 4.11 20.35 3.88
C GLY B 152 3.76 20.05 5.32
N TRP B 153 4.47 20.69 6.25
CA TRP B 153 4.21 20.48 7.66
C TRP B 153 3.24 21.55 8.12
N LYS B 154 2.30 21.15 8.96
CA LYS B 154 1.28 22.05 9.51
C LYS B 154 1.89 23.31 10.13
N GLY B 155 2.89 23.10 10.98
CA GLY B 155 3.53 24.20 11.67
C GLY B 155 4.23 25.25 10.84
N SER B 156 4.75 24.87 9.67
CA SER B 156 5.46 25.80 8.82
C SER B 156 4.63 27.04 8.43
N PRO B 157 3.48 26.85 7.75
CA PRO B 157 2.70 28.04 7.40
C PRO B 157 2.34 28.87 8.65
N ALA B 158 2.13 28.18 9.77
CA ALA B 158 1.78 28.85 11.03
C ALA B 158 2.94 29.71 11.51
N ILE B 159 4.07 29.07 11.81
CA ILE B 159 5.26 29.78 12.28
C ILE B 159 5.57 30.98 11.38
N PHE B 160 5.61 30.72 10.08
CA PHE B 160 5.88 31.75 9.10
C PHE B 160 4.58 32.45 8.75
N GLN B 161 3.95 33.04 9.77
CA GLN B 161 2.71 33.73 9.52
C GLN B 161 2.91 35.22 9.64
N SER B 162 3.56 35.64 10.71
CA SER B 162 3.83 37.03 10.96
C SER B 162 4.62 37.56 9.77
N SER B 163 5.55 36.73 9.32
CA SER B 163 6.41 37.07 8.21
C SER B 163 5.64 37.18 6.90
N MET B 164 4.63 36.34 6.75
CA MET B 164 3.80 36.31 5.55
C MET B 164 2.86 37.50 5.44
N THR B 165 2.28 37.87 6.57
CA THR B 165 1.36 39.00 6.64
C THR B 165 2.13 40.21 6.16
N LYS B 166 3.27 40.43 6.82
CA LYS B 166 4.15 41.54 6.53
C LYS B 166 4.37 41.72 5.04
N ILE B 167 4.83 40.66 4.40
CA ILE B 167 5.10 40.71 2.99
C ILE B 167 3.87 40.82 2.12
N LEU B 168 2.71 40.53 2.72
CA LEU B 168 1.46 40.61 1.99
C LEU B 168 0.75 41.94 2.18
N GLU B 169 0.87 42.51 3.38
CA GLU B 169 0.23 43.78 3.67
C GLU B 169 0.24 44.75 2.49
N PRO B 170 1.43 45.20 2.06
CA PRO B 170 1.45 46.13 0.93
C PRO B 170 0.46 45.72 -0.15
N PHE B 171 0.82 44.71 -0.92
CA PHE B 171 -0.05 44.28 -2.00
C PHE B 171 -1.50 44.27 -1.61
N ARG B 172 -1.78 43.75 -0.42
CA ARG B 172 -3.15 43.70 0.06
C ARG B 172 -3.69 45.12 0.18
N LYS B 173 -3.07 45.92 1.03
CA LYS B 173 -3.50 47.29 1.22
C LYS B 173 -3.58 48.07 -0.09
N GLN B 174 -2.69 47.74 -1.03
CA GLN B 174 -2.69 48.42 -2.32
C GLN B 174 -3.92 48.02 -3.10
N ASN B 175 -4.29 46.75 -2.97
CA ASN B 175 -5.47 46.22 -3.64
C ASN B 175 -6.40 45.59 -2.59
N PRO B 176 -7.30 46.39 -2.01
CA PRO B 176 -8.21 45.81 -1.00
C PRO B 176 -9.32 45.03 -1.68
N ASP B 177 -9.31 45.05 -3.01
CA ASP B 177 -10.32 44.36 -3.78
C ASP B 177 -9.97 42.88 -3.98
N ILE B 178 -8.71 42.55 -3.77
CA ILE B 178 -8.24 41.17 -3.95
C ILE B 178 -8.09 40.43 -2.65
N VAL B 179 -8.60 39.20 -2.63
CA VAL B 179 -8.52 38.37 -1.44
C VAL B 179 -7.44 37.33 -1.64
N ILE B 180 -6.64 37.14 -0.60
CA ILE B 180 -5.58 36.18 -0.64
C ILE B 180 -5.69 35.20 0.53
N TYR B 181 -5.68 33.93 0.22
CA TYR B 181 -5.79 32.93 1.27
C TYR B 181 -4.64 31.95 1.23
N GLN B 182 -4.03 31.71 2.37
CA GLN B 182 -2.91 30.79 2.43
C GLN B 182 -3.25 29.44 3.05
N TYR B 183 -3.03 28.37 2.28
CA TYR B 183 -3.25 27.03 2.76
C TYR B 183 -1.96 26.25 2.58
N MET B 184 -1.41 25.77 3.70
CA MET B 184 -0.16 25.01 3.69
C MET B 184 0.91 25.76 2.91
N ASP B 185 1.39 25.15 1.83
CA ASP B 185 2.41 25.77 0.99
C ASP B 185 1.72 26.67 -0.03
N ASP B 186 0.41 26.49 -0.19
CA ASP B 186 -0.34 27.24 -1.18
C ASP B 186 -0.94 28.57 -0.81
N LEU B 187 -1.01 29.43 -1.82
CA LEU B 187 -1.57 30.76 -1.68
C LEU B 187 -2.62 30.87 -2.76
N TYR B 188 -3.86 31.15 -2.35
CA TYR B 188 -4.93 31.29 -3.31
C TYR B 188 -5.31 32.75 -3.39
N VAL B 189 -5.05 33.30 -4.56
CA VAL B 189 -5.33 34.70 -4.80
C VAL B 189 -6.56 34.81 -5.70
N GLY B 190 -7.56 35.53 -5.21
CA GLY B 190 -8.79 35.68 -5.98
C GLY B 190 -9.27 37.11 -6.11
N SER B 191 -9.65 37.48 -7.33
CA SER B 191 -10.14 38.82 -7.63
C SER B 191 -11.27 38.73 -8.63
N ASP B 192 -11.68 39.88 -9.17
CA ASP B 192 -12.77 39.93 -10.13
C ASP B 192 -12.37 40.55 -11.48
N LEU B 193 -11.13 41.04 -11.59
CA LEU B 193 -10.68 41.66 -12.83
C LEU B 193 -10.88 40.73 -14.02
N GLU B 194 -10.73 41.24 -15.22
CA GLU B 194 -10.89 40.40 -16.41
C GLU B 194 -9.66 39.50 -16.41
N ILE B 195 -9.70 38.39 -17.14
CA ILE B 195 -8.59 37.43 -17.17
C ILE B 195 -7.19 38.03 -17.34
N GLY B 196 -7.04 39.01 -18.23
CA GLY B 196 -5.75 39.62 -18.44
C GLY B 196 -5.31 40.49 -17.29
N GLN B 197 -6.22 41.31 -16.79
CA GLN B 197 -5.93 42.21 -15.67
C GLN B 197 -5.69 41.42 -14.41
N HIS B 198 -6.22 40.19 -14.37
CA HIS B 198 -6.04 39.30 -13.21
C HIS B 198 -4.62 38.77 -13.22
N ARG B 199 -4.26 38.11 -14.33
CA ARG B 199 -2.92 37.55 -14.49
C ARG B 199 -1.84 38.61 -14.26
N THR B 200 -2.15 39.85 -14.58
CA THR B 200 -1.20 40.94 -14.41
C THR B 200 -0.99 41.22 -12.93
N LYS B 201 -2.08 41.26 -12.17
CA LYS B 201 -2.03 41.52 -10.75
C LYS B 201 -1.25 40.43 -10.02
N ILE B 202 -1.30 39.22 -10.56
CA ILE B 202 -0.60 38.10 -9.97
C ILE B 202 0.90 38.31 -10.05
N GLU B 203 1.40 38.59 -11.24
CA GLU B 203 2.83 38.80 -11.43
C GLU B 203 3.28 39.91 -10.49
N GLU B 204 2.48 40.97 -10.40
CA GLU B 204 2.82 42.09 -9.52
C GLU B 204 3.03 41.57 -8.11
N LEU B 205 2.40 40.45 -7.82
CA LEU B 205 2.52 39.81 -6.51
C LEU B 205 3.73 38.89 -6.48
N ARG B 206 3.86 38.06 -7.52
CA ARG B 206 4.99 37.14 -7.58
C ARG B 206 6.29 37.93 -7.56
N GLN B 207 6.30 39.07 -8.23
CA GLN B 207 7.49 39.92 -8.24
C GLN B 207 7.74 40.33 -6.80
N HIS B 208 6.69 40.83 -6.15
CA HIS B 208 6.74 41.28 -4.77
C HIS B 208 7.28 40.17 -3.88
N LEU B 209 6.98 38.93 -4.25
CA LEU B 209 7.45 37.78 -3.47
C LEU B 209 8.80 37.32 -3.96
N LEU B 210 8.98 37.36 -5.28
CA LEU B 210 10.22 36.93 -5.90
C LEU B 210 11.41 37.70 -5.32
N ARG B 211 11.15 38.58 -4.37
CA ARG B 211 12.23 39.34 -3.78
C ARG B 211 12.41 39.04 -2.29
N TRP B 212 12.28 37.77 -1.91
CA TRP B 212 12.47 37.36 -0.52
C TRP B 212 12.98 35.94 -0.48
N GLU B 233 -5.78 28.44 -12.06
CA GLU B 233 -6.88 29.10 -12.76
C GLU B 233 -8.24 28.55 -12.39
N LEU B 234 -8.74 28.95 -11.21
CA LEU B 234 -10.04 28.50 -10.73
C LEU B 234 -11.12 29.56 -10.93
N HIS B 235 -12.37 29.12 -10.94
CA HIS B 235 -13.51 30.03 -11.12
C HIS B 235 -14.72 29.58 -10.27
N PRO B 236 -14.79 29.99 -9.00
CA PRO B 236 -15.87 29.63 -8.09
C PRO B 236 -17.28 30.05 -8.50
N ASP B 237 -17.43 31.29 -8.96
CA ASP B 237 -18.75 31.77 -9.34
C ASP B 237 -19.41 30.88 -10.39
N LYS B 238 -18.62 30.08 -11.09
CA LYS B 238 -19.19 29.20 -12.10
C LYS B 238 -19.43 27.78 -11.62
N TRP B 239 -18.93 27.44 -10.44
CA TRP B 239 -19.15 26.10 -9.89
C TRP B 239 -20.62 25.99 -9.50
N THR B 240 -21.48 25.72 -10.49
CA THR B 240 -22.92 25.62 -10.22
C THR B 240 -23.37 24.24 -9.76
N VAL B 241 -24.28 24.26 -8.78
CA VAL B 241 -24.86 23.06 -8.19
C VAL B 241 -25.87 22.43 -9.14
N GLN B 242 -25.50 21.33 -9.77
CA GLN B 242 -26.41 20.65 -10.69
C GLN B 242 -27.34 19.69 -9.94
N PRO B 243 -28.62 19.66 -10.36
CA PRO B 243 -29.72 18.86 -9.83
C PRO B 243 -29.84 17.47 -10.41
N ILE B 244 -30.64 16.66 -9.75
CA ILE B 244 -30.88 15.30 -10.21
C ILE B 244 -32.01 15.41 -11.22
N VAL B 245 -31.86 14.68 -12.33
CA VAL B 245 -32.84 14.70 -13.40
C VAL B 245 -33.37 13.30 -13.69
N LEU B 246 -34.69 13.15 -13.54
CA LEU B 246 -35.35 11.88 -13.79
C LEU B 246 -35.61 11.71 -15.27
N PRO B 247 -35.46 10.48 -15.78
CA PRO B 247 -35.68 10.27 -17.21
C PRO B 247 -37.09 10.63 -17.63
N GLU B 248 -37.27 10.82 -18.92
CA GLU B 248 -38.56 11.15 -19.49
C GLU B 248 -38.63 10.32 -20.74
N LYS B 249 -39.71 9.56 -20.91
CA LYS B 249 -39.81 8.72 -22.07
C LYS B 249 -41.13 8.77 -22.81
N ASP B 250 -41.06 8.58 -24.12
CA ASP B 250 -42.26 8.57 -24.94
C ASP B 250 -43.18 7.56 -24.26
N SER B 251 -42.68 6.34 -24.11
CA SER B 251 -43.42 5.28 -23.46
C SER B 251 -42.51 4.60 -22.45
N TRP B 252 -43.11 4.15 -21.35
CA TRP B 252 -42.35 3.48 -20.30
C TRP B 252 -42.57 1.98 -20.28
N THR B 253 -41.53 1.24 -19.94
CA THR B 253 -41.64 -0.21 -19.86
C THR B 253 -41.59 -0.61 -18.40
N VAL B 254 -42.06 -1.82 -18.11
CA VAL B 254 -42.06 -2.34 -16.75
C VAL B 254 -40.69 -2.07 -16.15
N ASN B 255 -39.64 -2.36 -16.91
CA ASN B 255 -38.29 -2.15 -16.44
C ASN B 255 -38.02 -0.69 -16.13
N ASP B 256 -38.31 0.16 -17.12
CA ASP B 256 -38.11 1.60 -16.98
C ASP B 256 -38.61 2.11 -15.64
N ILE B 257 -39.81 1.68 -15.29
CA ILE B 257 -40.44 2.09 -14.04
C ILE B 257 -39.68 1.49 -12.88
N GLN B 258 -39.42 0.18 -12.99
CA GLN B 258 -38.70 -0.55 -11.96
C GLN B 258 -37.40 0.12 -11.58
N LYS B 259 -36.58 0.41 -12.57
CA LYS B 259 -35.32 1.05 -12.29
C LYS B 259 -35.63 2.40 -11.68
N LEU B 260 -36.60 3.08 -12.28
CA LEU B 260 -36.99 4.38 -11.79
C LEU B 260 -37.47 4.37 -10.35
N VAL B 261 -38.38 3.46 -10.04
CA VAL B 261 -38.93 3.37 -8.70
C VAL B 261 -37.85 3.02 -7.69
N GLY B 262 -36.88 2.21 -8.10
CA GLY B 262 -35.85 1.85 -7.18
C GLY B 262 -35.02 3.05 -6.76
N LYS B 263 -34.68 3.89 -7.72
CA LYS B 263 -33.87 5.06 -7.47
C LYS B 263 -34.60 6.10 -6.64
N LEU B 264 -35.86 6.32 -6.98
CA LEU B 264 -36.65 7.30 -6.24
C LEU B 264 -36.81 6.86 -4.78
N ASN B 265 -37.00 5.56 -4.60
CA ASN B 265 -37.16 4.96 -3.28
C ASN B 265 -35.95 5.26 -2.39
N TRP B 266 -34.76 5.02 -2.92
CA TRP B 266 -33.53 5.27 -2.18
C TRP B 266 -33.41 6.76 -1.89
N ALA B 267 -33.57 7.55 -2.96
CA ALA B 267 -33.48 9.00 -2.90
C ALA B 267 -34.42 9.51 -1.85
N SER B 268 -35.39 8.66 -1.49
CA SER B 268 -36.38 9.01 -0.49
C SER B 268 -35.71 9.35 0.81
N GLN B 269 -34.46 8.93 0.95
CA GLN B 269 -33.71 9.17 2.17
C GLN B 269 -33.21 10.60 2.25
N ILE B 270 -33.18 11.28 1.11
CA ILE B 270 -32.71 12.67 1.04
C ILE B 270 -33.89 13.64 0.95
N TYR B 271 -34.93 13.23 0.26
CA TYR B 271 -36.14 14.02 0.09
C TYR B 271 -37.32 13.15 0.51
N PRO B 272 -37.80 13.31 1.76
CA PRO B 272 -38.93 12.53 2.30
C PRO B 272 -40.25 12.68 1.55
N GLY B 273 -40.31 13.72 0.70
CA GLY B 273 -41.52 13.99 -0.05
C GLY B 273 -41.66 13.21 -1.33
N ILE B 274 -40.63 12.45 -1.68
CA ILE B 274 -40.69 11.65 -2.90
C ILE B 274 -41.60 10.45 -2.63
N LYS B 275 -42.55 10.21 -3.54
CA LYS B 275 -43.50 9.10 -3.40
C LYS B 275 -43.44 8.16 -4.61
N VAL B 276 -43.63 6.86 -4.38
CA VAL B 276 -43.61 5.90 -5.48
C VAL B 276 -44.85 5.02 -5.51
N ARG B 277 -45.83 5.35 -4.67
CA ARG B 277 -47.07 4.60 -4.62
C ARG B 277 -47.68 4.33 -5.99
N GLN B 278 -48.19 5.39 -6.61
CA GLN B 278 -48.83 5.32 -7.92
C GLN B 278 -47.96 4.60 -8.93
N LEU B 279 -46.65 4.77 -8.82
CA LEU B 279 -45.75 4.10 -9.75
C LEU B 279 -45.69 2.59 -9.49
N CYS B 280 -45.71 2.22 -8.21
CA CYS B 280 -45.65 0.81 -7.83
C CYS B 280 -46.95 0.09 -8.14
N LYS B 281 -48.00 0.85 -8.43
CA LYS B 281 -49.27 0.23 -8.73
C LYS B 281 -49.28 -0.27 -10.17
N LEU B 282 -48.65 0.49 -11.05
CA LEU B 282 -48.58 0.09 -12.45
C LEU B 282 -47.74 -1.17 -12.55
N LEU B 283 -46.89 -1.35 -11.53
CA LEU B 283 -46.00 -2.50 -11.46
C LEU B 283 -46.64 -3.71 -10.82
N ARG B 284 -47.97 -3.76 -10.86
CA ARG B 284 -48.71 -4.89 -10.31
C ARG B 284 -48.82 -5.96 -11.39
N GLY B 285 -48.72 -7.22 -10.97
CA GLY B 285 -48.81 -8.31 -11.92
C GLY B 285 -47.45 -8.90 -12.22
N THR B 286 -47.39 -9.71 -13.28
CA THR B 286 -46.15 -10.34 -13.68
C THR B 286 -46.00 -10.21 -15.19
N LYS B 287 -45.90 -8.96 -15.65
CA LYS B 287 -45.77 -8.67 -17.08
C LYS B 287 -44.33 -8.85 -17.54
N ALA B 288 -44.13 -8.86 -18.85
CA ALA B 288 -42.78 -9.02 -19.39
C ALA B 288 -42.01 -7.74 -19.08
N LEU B 289 -40.74 -7.89 -18.76
CA LEU B 289 -39.92 -6.74 -18.42
C LEU B 289 -39.94 -5.69 -19.52
N THR B 290 -40.24 -6.13 -20.74
CA THR B 290 -40.26 -5.24 -21.90
C THR B 290 -41.61 -4.63 -22.24
N GLU B 291 -42.67 -5.15 -21.65
CA GLU B 291 -44.02 -4.63 -21.95
C GLU B 291 -44.18 -3.15 -21.60
N VAL B 292 -44.85 -2.42 -22.48
CA VAL B 292 -45.08 -0.98 -22.27
C VAL B 292 -46.29 -0.75 -21.36
N ILE B 293 -46.11 0.10 -20.35
CA ILE B 293 -47.18 0.42 -19.40
C ILE B 293 -47.65 1.85 -19.55
N PRO B 294 -48.95 2.05 -19.83
CA PRO B 294 -49.40 3.43 -19.96
C PRO B 294 -49.47 4.00 -18.54
N LEU B 295 -49.10 5.27 -18.38
CA LEU B 295 -49.11 5.88 -17.06
C LEU B 295 -50.45 6.48 -16.67
N THR B 296 -50.87 6.19 -15.45
CA THR B 296 -52.11 6.72 -14.93
C THR B 296 -51.82 8.21 -14.74
N GLU B 297 -52.87 9.01 -14.52
CA GLU B 297 -52.65 10.43 -14.32
C GLU B 297 -52.05 10.71 -12.94
N GLU B 298 -52.36 9.86 -11.97
CA GLU B 298 -51.83 10.02 -10.62
C GLU B 298 -50.33 9.77 -10.69
N ALA B 299 -49.94 8.74 -11.44
CA ALA B 299 -48.54 8.40 -11.59
C ALA B 299 -47.83 9.56 -12.26
N GLU B 300 -48.51 10.19 -13.21
CA GLU B 300 -47.96 11.33 -13.94
C GLU B 300 -47.72 12.49 -12.98
N LEU B 301 -48.69 12.73 -12.09
CA LEU B 301 -48.59 13.80 -11.09
C LEU B 301 -47.50 13.44 -10.09
N GLU B 302 -47.52 12.20 -9.64
CA GLU B 302 -46.54 11.70 -8.69
C GLU B 302 -45.14 11.97 -9.22
N LEU B 303 -44.96 11.69 -10.50
CA LEU B 303 -43.67 11.90 -11.15
C LEU B 303 -43.36 13.40 -11.21
N ALA B 304 -44.40 14.20 -11.46
CA ALA B 304 -44.23 15.65 -11.54
C ALA B 304 -43.82 16.21 -10.18
N GLU B 305 -44.52 15.83 -9.12
CA GLU B 305 -44.18 16.31 -7.79
C GLU B 305 -42.73 15.95 -7.47
N ASN B 306 -42.34 14.73 -7.82
CA ASN B 306 -40.98 14.31 -7.57
C ASN B 306 -39.96 15.13 -8.36
N ARG B 307 -40.28 15.45 -9.62
CA ARG B 307 -39.37 16.26 -10.43
C ARG B 307 -39.19 17.64 -9.78
N GLU B 308 -40.29 18.23 -9.29
CA GLU B 308 -40.22 19.54 -8.64
C GLU B 308 -39.41 19.51 -7.34
N ILE B 309 -39.49 18.41 -6.60
CA ILE B 309 -38.77 18.28 -5.34
C ILE B 309 -37.26 18.22 -5.56
N LEU B 310 -36.85 17.58 -6.64
CA LEU B 310 -35.44 17.44 -6.95
C LEU B 310 -34.89 18.68 -7.65
N LYS B 311 -35.77 19.63 -7.92
CA LYS B 311 -35.35 20.86 -8.59
C LYS B 311 -34.27 21.56 -7.79
N GLU B 312 -34.30 21.41 -6.47
CA GLU B 312 -33.32 22.07 -5.61
C GLU B 312 -32.74 21.16 -4.54
N PRO B 313 -31.57 21.54 -4.01
CA PRO B 313 -30.84 20.82 -2.95
C PRO B 313 -31.62 20.82 -1.65
N VAL B 314 -31.55 19.69 -0.95
CA VAL B 314 -32.26 19.54 0.30
C VAL B 314 -31.99 20.73 1.23
N HIS B 315 -33.04 21.19 1.89
CA HIS B 315 -32.97 22.32 2.80
C HIS B 315 -32.22 22.02 4.09
N GLY B 316 -31.89 23.09 4.81
CA GLY B 316 -31.20 22.97 6.09
C GLY B 316 -29.81 22.39 6.15
N VAL B 317 -29.08 22.42 5.05
CA VAL B 317 -27.73 21.89 5.08
C VAL B 317 -26.79 23.06 5.32
N TYR B 318 -25.98 22.96 6.37
CA TYR B 318 -25.03 24.02 6.73
C TYR B 318 -23.68 23.46 7.15
N TYR B 319 -22.61 24.11 6.74
CA TYR B 319 -21.28 23.65 7.12
C TYR B 319 -20.97 23.85 8.62
N ASP B 320 -20.37 22.82 9.22
CA ASP B 320 -20.01 22.84 10.62
C ASP B 320 -18.50 22.69 10.75
N PRO B 321 -17.83 23.70 11.32
CA PRO B 321 -16.37 23.67 11.49
C PRO B 321 -15.90 22.58 12.46
N SER B 322 -16.74 22.27 13.45
CA SER B 322 -16.40 21.27 14.46
C SER B 322 -16.44 19.86 13.88
N LYS B 323 -17.00 19.74 12.68
CA LYS B 323 -17.09 18.44 12.03
C LYS B 323 -16.18 18.32 10.80
N ASP B 324 -15.77 17.10 10.51
CA ASP B 324 -14.91 16.88 9.36
C ASP B 324 -15.71 16.90 8.08
N LEU B 325 -15.05 17.33 7.01
CA LEU B 325 -15.66 17.38 5.69
C LEU B 325 -15.44 15.98 5.12
N ILE B 326 -16.39 15.52 4.30
CA ILE B 326 -16.24 14.23 3.68
C ILE B 326 -16.54 14.29 2.21
N ALA B 327 -15.71 13.61 1.44
CA ALA B 327 -15.88 13.60 0.01
C ALA B 327 -15.89 12.17 -0.50
N GLU B 328 -17.01 11.78 -1.09
CA GLU B 328 -17.14 10.44 -1.64
C GLU B 328 -17.14 10.48 -3.17
N ILE B 329 -16.38 9.57 -3.76
CA ILE B 329 -16.28 9.50 -5.22
C ILE B 329 -16.76 8.17 -5.76
N GLN B 330 -17.55 8.25 -6.83
CA GLN B 330 -18.05 7.05 -7.47
C GLN B 330 -17.52 7.02 -8.89
N LYS B 331 -17.16 5.84 -9.35
CA LYS B 331 -16.68 5.72 -10.72
C LYS B 331 -17.94 5.47 -11.53
N GLN B 332 -18.27 6.39 -12.41
CA GLN B 332 -19.45 6.22 -13.25
C GLN B 332 -19.01 5.46 -14.49
N GLY B 333 -17.72 5.55 -14.79
CA GLY B 333 -17.21 4.85 -15.94
C GLY B 333 -17.08 5.70 -17.19
N GLN B 334 -16.18 5.27 -18.07
CA GLN B 334 -15.89 5.96 -19.31
C GLN B 334 -15.43 7.38 -19.01
N GLY B 335 -14.47 7.48 -18.09
CA GLY B 335 -13.91 8.76 -17.71
C GLY B 335 -14.79 9.66 -16.86
N GLN B 336 -15.99 9.20 -16.53
CA GLN B 336 -16.91 10.01 -15.72
C GLN B 336 -16.86 9.61 -14.26
N TRP B 337 -16.90 10.61 -13.39
CA TRP B 337 -16.86 10.35 -11.96
C TRP B 337 -17.82 11.30 -11.24
N THR B 338 -18.41 10.82 -10.14
CA THR B 338 -19.32 11.63 -9.34
C THR B 338 -18.80 11.73 -7.91
N TYR B 339 -19.03 12.90 -7.29
CA TYR B 339 -18.59 13.11 -5.92
C TYR B 339 -19.59 13.91 -5.13
N GLN B 340 -19.56 13.72 -3.83
CA GLN B 340 -20.43 14.46 -2.93
C GLN B 340 -19.64 14.82 -1.70
N ILE B 341 -19.71 16.09 -1.34
CA ILE B 341 -19.00 16.55 -0.16
C ILE B 341 -20.07 16.79 0.87
N TYR B 342 -19.91 16.15 2.02
CA TYR B 342 -20.89 16.30 3.07
C TYR B 342 -20.25 15.95 4.40
N GLN B 343 -20.96 16.24 5.48
CA GLN B 343 -20.47 15.95 6.80
C GLN B 343 -21.42 14.95 7.43
N GLU B 344 -22.69 15.02 7.02
CA GLU B 344 -23.71 14.11 7.51
C GLU B 344 -24.23 13.41 6.29
N PRO B 345 -24.43 12.09 6.39
CA PRO B 345 -24.93 11.32 5.25
C PRO B 345 -26.21 11.87 4.68
N PHE B 346 -26.23 12.01 3.35
CA PHE B 346 -27.39 12.53 2.60
C PHE B 346 -27.55 14.05 2.64
N LYS B 347 -26.77 14.70 3.51
CA LYS B 347 -26.80 16.13 3.65
C LYS B 347 -25.58 16.73 2.94
N ASN B 348 -25.62 16.64 1.62
CA ASN B 348 -24.55 17.14 0.77
C ASN B 348 -24.35 18.64 0.86
N LEU B 349 -23.10 19.01 1.06
CA LEU B 349 -22.72 20.41 1.11
C LEU B 349 -22.47 20.76 -0.35
N LYS B 350 -22.02 19.76 -1.10
CA LYS B 350 -21.78 19.91 -2.53
C LYS B 350 -21.66 18.56 -3.22
N THR B 351 -22.07 18.53 -4.48
CA THR B 351 -22.01 17.33 -5.32
C THR B 351 -21.52 17.76 -6.70
N GLY B 352 -20.93 16.84 -7.45
CA GLY B 352 -20.46 17.22 -8.77
C GLY B 352 -20.03 16.09 -9.66
N LYS B 353 -19.58 16.46 -10.86
CA LYS B 353 -19.08 15.50 -11.85
C LYS B 353 -17.71 15.96 -12.32
N TYR B 354 -16.83 15.00 -12.59
CA TYR B 354 -15.49 15.29 -13.07
C TYR B 354 -15.21 14.39 -14.26
N ALA B 355 -14.94 14.99 -15.42
CA ALA B 355 -14.65 14.22 -16.61
C ALA B 355 -13.13 14.11 -16.71
N ARG B 356 -12.63 12.92 -17.03
CA ARG B 356 -11.19 12.71 -17.12
C ARG B 356 -10.56 13.76 -18.01
N MET B 357 -9.25 13.94 -17.87
CA MET B 357 -8.56 14.92 -18.69
C MET B 357 -7.78 14.29 -19.83
N ARG B 358 -7.68 15.05 -20.92
CA ARG B 358 -6.97 14.60 -22.11
C ARG B 358 -5.67 13.91 -21.73
N GLY B 359 -5.41 12.76 -22.33
CA GLY B 359 -4.19 12.02 -22.05
C GLY B 359 -4.21 11.29 -20.72
N ALA B 360 -5.33 10.67 -20.40
CA ALA B 360 -5.48 9.93 -19.16
C ALA B 360 -6.39 8.73 -19.39
N HIS B 361 -6.79 8.55 -20.65
CA HIS B 361 -7.68 7.46 -21.05
C HIS B 361 -7.45 6.11 -20.40
N THR B 362 -6.35 5.46 -20.76
CA THR B 362 -6.02 4.13 -20.24
C THR B 362 -5.61 4.09 -18.77
N ASN B 363 -5.79 5.19 -18.05
CA ASN B 363 -5.41 5.21 -16.66
C ASN B 363 -6.48 5.68 -15.67
N ASP B 364 -7.05 4.71 -14.95
CA ASP B 364 -8.08 4.98 -13.95
C ASP B 364 -7.44 5.79 -12.81
N VAL B 365 -6.34 5.28 -12.28
CA VAL B 365 -5.65 5.94 -11.17
C VAL B 365 -5.33 7.40 -11.42
N LYS B 366 -4.94 7.69 -12.65
CA LYS B 366 -4.59 9.05 -13.03
C LYS B 366 -5.82 9.92 -12.87
N GLN B 367 -6.90 9.55 -13.53
CA GLN B 367 -8.13 10.31 -13.45
C GLN B 367 -8.49 10.54 -11.98
N LEU B 368 -8.52 9.46 -11.22
CA LEU B 368 -8.90 9.56 -9.83
C LEU B 368 -8.04 10.53 -9.04
N THR B 369 -6.72 10.42 -9.11
CA THR B 369 -5.87 11.33 -8.37
C THR B 369 -6.17 12.76 -8.84
N GLU B 370 -6.39 12.92 -10.14
CA GLU B 370 -6.70 14.24 -10.69
C GLU B 370 -7.95 14.81 -10.04
N ALA B 371 -8.99 13.99 -10.02
CA ALA B 371 -10.25 14.40 -9.42
C ALA B 371 -10.08 14.70 -7.95
N VAL B 372 -9.28 13.90 -7.26
CA VAL B 372 -9.08 14.09 -5.83
C VAL B 372 -8.45 15.44 -5.57
N GLN B 373 -7.51 15.82 -6.43
CA GLN B 373 -6.86 17.10 -6.27
C GLN B 373 -7.83 18.24 -6.56
N LYS B 374 -8.67 18.09 -7.60
CA LYS B 374 -9.64 19.13 -7.94
C LYS B 374 -10.61 19.35 -6.78
N ILE B 375 -11.23 18.27 -6.35
CA ILE B 375 -12.17 18.34 -5.23
C ILE B 375 -11.51 18.91 -3.97
N THR B 376 -10.30 18.44 -3.64
CA THR B 376 -9.63 18.95 -2.46
C THR B 376 -9.44 20.45 -2.58
N THR B 377 -9.15 20.90 -3.80
CA THR B 377 -8.93 22.31 -4.05
C THR B 377 -10.19 23.11 -3.78
N GLU B 378 -11.29 22.69 -4.36
CA GLU B 378 -12.54 23.39 -4.15
C GLU B 378 -12.85 23.39 -2.65
N SER B 379 -12.58 22.28 -2.00
CA SER B 379 -12.82 22.13 -0.58
C SER B 379 -12.07 23.21 0.21
N ILE B 380 -10.82 23.43 -0.15
CA ILE B 380 -10.02 24.43 0.54
C ILE B 380 -10.61 25.81 0.25
N VAL B 381 -10.78 26.11 -1.04
CA VAL B 381 -11.34 27.38 -1.51
C VAL B 381 -12.61 27.78 -0.76
N ILE B 382 -13.50 26.80 -0.61
CA ILE B 382 -14.79 26.98 0.03
C ILE B 382 -14.80 26.91 1.55
N TRP B 383 -13.97 26.06 2.15
CA TRP B 383 -14.00 25.94 3.59
C TRP B 383 -12.66 26.09 4.28
N GLY B 384 -11.60 26.15 3.50
CA GLY B 384 -10.30 26.31 4.12
C GLY B 384 -9.83 25.08 4.87
N LYS B 385 -10.08 23.91 4.29
CA LYS B 385 -9.65 22.65 4.89
C LYS B 385 -9.85 21.56 3.85
N THR B 386 -9.17 20.44 4.03
CA THR B 386 -9.27 19.33 3.10
C THR B 386 -10.22 18.27 3.63
N PRO B 387 -11.01 17.67 2.73
CA PRO B 387 -11.97 16.62 3.14
C PRO B 387 -11.29 15.26 3.25
N LYS B 388 -11.88 14.34 4.00
CA LYS B 388 -11.29 13.02 4.05
C LYS B 388 -11.96 12.31 2.89
N PHE B 389 -11.22 11.51 2.14
CA PHE B 389 -11.79 10.84 0.98
C PHE B 389 -12.18 9.38 1.10
N LYS B 390 -13.26 9.04 0.41
CA LYS B 390 -13.80 7.68 0.31
C LYS B 390 -13.55 7.32 -1.16
N LEU B 391 -12.48 6.58 -1.39
CA LEU B 391 -12.08 6.23 -2.73
C LEU B 391 -12.52 4.87 -3.26
N PRO B 392 -13.15 4.85 -4.45
CA PRO B 392 -13.60 3.58 -5.02
C PRO B 392 -12.42 2.87 -5.65
N ILE B 393 -11.44 2.51 -4.83
CA ILE B 393 -10.26 1.82 -5.34
C ILE B 393 -9.62 0.96 -4.28
N GLN B 394 -8.88 -0.05 -4.73
CA GLN B 394 -8.20 -0.96 -3.84
C GLN B 394 -6.94 -0.35 -3.26
N LYS B 395 -6.83 -0.39 -1.92
CA LYS B 395 -5.69 0.17 -1.19
C LYS B 395 -4.36 -0.06 -1.91
N GLU B 396 -4.08 -1.31 -2.25
CA GLU B 396 -2.85 -1.64 -2.93
C GLU B 396 -2.76 -0.90 -4.27
N THR B 397 -3.85 -0.90 -5.04
CA THR B 397 -3.83 -0.23 -6.33
C THR B 397 -3.48 1.25 -6.22
N TRP B 398 -4.08 1.95 -5.27
CA TRP B 398 -3.84 3.38 -5.07
C TRP B 398 -2.46 3.67 -4.53
N GLU B 399 -2.09 2.99 -3.47
CA GLU B 399 -0.81 3.21 -2.85
C GLU B 399 0.39 2.88 -3.74
N THR B 400 0.15 2.20 -4.87
CA THR B 400 1.24 1.87 -5.79
C THR B 400 1.43 2.92 -6.88
N TRP B 401 0.38 3.68 -7.19
CA TRP B 401 0.51 4.63 -8.27
C TRP B 401 0.08 6.09 -8.12
N TRP B 402 -0.60 6.44 -7.03
CA TRP B 402 -1.09 7.82 -6.88
C TRP B 402 -0.03 8.93 -6.91
N THR B 403 1.16 8.64 -6.39
CA THR B 403 2.24 9.62 -6.38
C THR B 403 2.72 9.93 -7.79
N GLU B 404 2.55 8.97 -8.69
CA GLU B 404 2.98 9.13 -10.06
C GLU B 404 2.23 10.26 -10.76
N TYR B 405 1.13 10.71 -10.16
CA TYR B 405 0.34 11.78 -10.76
C TYR B 405 -0.09 12.83 -9.76
N TRP B 406 0.51 12.83 -8.58
CA TRP B 406 0.16 13.82 -7.58
C TRP B 406 0.89 15.12 -7.91
N GLN B 407 0.19 16.26 -7.81
CA GLN B 407 0.81 17.54 -8.12
C GLN B 407 0.62 18.68 -7.11
N ALA B 408 0.02 18.38 -5.97
CA ALA B 408 -0.20 19.41 -4.95
C ALA B 408 0.85 19.25 -3.86
N THR B 409 1.00 20.26 -3.01
CA THR B 409 1.98 20.20 -1.93
C THR B 409 1.37 19.56 -0.69
N TRP B 410 0.05 19.48 -0.67
CA TRP B 410 -0.68 18.89 0.44
C TRP B 410 -1.22 17.53 0.05
N ILE B 411 -1.50 16.70 1.03
CA ILE B 411 -2.03 15.38 0.79
C ILE B 411 -3.24 15.17 1.68
N PRO B 412 -4.39 14.90 1.07
CA PRO B 412 -5.62 14.68 1.84
C PRO B 412 -5.63 13.32 2.54
N GLU B 413 -6.58 13.15 3.45
CA GLU B 413 -6.75 11.89 4.16
C GLU B 413 -7.63 11.04 3.27
N TRP B 414 -7.48 9.72 3.37
CA TRP B 414 -8.33 8.86 2.57
C TRP B 414 -8.55 7.49 3.14
N GLU B 415 -9.56 6.84 2.59
CA GLU B 415 -9.97 5.50 2.97
C GLU B 415 -10.58 4.89 1.70
N PHE B 416 -10.50 3.57 1.59
CA PHE B 416 -11.00 2.88 0.43
C PHE B 416 -12.34 2.20 0.73
N VAL B 417 -13.24 2.25 -0.24
CA VAL B 417 -14.57 1.71 -0.03
C VAL B 417 -15.18 0.95 -1.20
N ASN B 418 -16.33 0.33 -0.93
CA ASN B 418 -17.08 -0.44 -1.92
C ASN B 418 -18.40 0.25 -2.27
N THR B 419 -18.38 0.98 -3.40
CA THR B 419 -19.52 1.74 -3.87
C THR B 419 -20.87 1.00 -3.88
N PRO B 420 -21.88 1.52 -3.15
CA PRO B 420 -23.18 0.83 -3.18
C PRO B 420 -23.77 1.16 -4.56
N PRO B 421 -24.13 0.12 -5.31
CA PRO B 421 -24.70 0.26 -6.65
C PRO B 421 -25.70 1.39 -6.84
N LEU B 422 -26.52 1.65 -5.81
CA LEU B 422 -27.53 2.69 -5.93
C LEU B 422 -26.96 4.10 -5.90
N VAL B 423 -26.10 4.36 -4.93
CA VAL B 423 -25.50 5.67 -4.80
C VAL B 423 -25.01 6.10 -6.18
N LYS B 424 -24.40 5.14 -6.87
CA LYS B 424 -23.85 5.36 -8.20
C LYS B 424 -24.96 5.70 -9.21
N LEU B 425 -25.95 4.83 -9.30
CA LEU B 425 -27.06 5.00 -10.23
C LEU B 425 -27.74 6.33 -10.05
N TRP B 426 -27.87 6.73 -8.79
CA TRP B 426 -28.54 7.97 -8.42
C TRP B 426 -27.86 9.24 -8.91
N TYR B 427 -26.59 9.40 -8.57
CA TYR B 427 -25.87 10.60 -8.98
C TYR B 427 -25.49 10.57 -10.45
N GLN B 428 -25.79 9.44 -11.08
CA GLN B 428 -25.53 9.27 -12.50
C GLN B 428 -26.61 10.10 -13.15
N LEU B 429 -27.68 10.34 -12.38
CA LEU B 429 -28.84 11.11 -12.81
C LEU B 429 -28.66 12.61 -12.78
N GLU B 430 -27.49 13.09 -12.38
CA GLU B 430 -27.25 14.52 -12.31
C GLU B 430 -27.31 15.23 -13.66
N LYS B 431 -27.94 16.41 -13.65
CA LYS B 431 -28.12 17.23 -14.85
C LYS B 431 -26.82 17.71 -15.48
N GLU B 432 -26.85 17.88 -16.80
CA GLU B 432 -25.69 18.36 -17.55
C GLU B 432 -26.05 19.49 -18.49
N PRO B 433 -25.07 20.33 -18.85
CA PRO B 433 -25.25 21.47 -19.75
C PRO B 433 -26.15 21.21 -20.95
N ILE B 434 -26.88 22.25 -21.35
CA ILE B 434 -27.80 22.21 -22.48
C ILE B 434 -27.08 21.68 -23.72
N VAL B 435 -25.94 22.30 -24.01
CA VAL B 435 -25.12 21.92 -25.13
C VAL B 435 -23.71 21.67 -24.60
N GLY B 436 -23.35 22.45 -23.57
CA GLY B 436 -22.04 22.32 -22.96
C GLY B 436 -21.68 23.55 -22.14
N ALA B 437 -20.48 24.09 -22.39
CA ALA B 437 -20.02 25.27 -21.66
C ALA B 437 -18.74 25.87 -22.26
P PO4 C . -42.36 -12.17 -24.65
O1 PO4 C . -43.68 -11.55 -24.44
O2 PO4 C . -42.50 -13.33 -25.57
O3 PO4 C . -41.42 -11.18 -25.24
O4 PO4 C . -41.82 -12.64 -23.34
C1 GWE D . 26.47 -9.73 -7.46
C2 GWE D . 26.82 -9.94 -6.00
C3 GWE D . 27.42 -8.93 -5.31
C4 GWE D . 27.74 -7.63 -5.95
C5 GWE D . 27.43 -7.42 -7.25
C6 GWE D . 26.77 -8.51 -8.05
CL1 GWE D . 28.55 -6.41 -4.99
C7 GWE D . 26.51 -11.25 -5.36
O1 GWE D . 26.72 -12.28 -5.99
C8 GWE D . 25.95 -11.39 -3.95
C9 GWE D . 26.29 -12.55 -3.20
C10 GWE D . 25.80 -12.70 -1.87
C11 GWE D . 24.99 -11.71 -1.29
C12 GWE D . 24.66 -10.55 -2.03
C13 GWE D . 25.13 -10.40 -3.34
C14 GWE D . 23.87 -9.41 -1.42
F1 GWE D . 23.38 -9.71 -0.18
F2 GWE D . 22.83 -9.11 -2.26
F3 GWE D . 24.68 -8.32 -1.31
F4 GWE D . 26.12 -13.78 -1.18
O2 GWE D . 25.89 -10.78 -8.14
C15 GWE D . 25.67 -10.80 -9.57
C16 GWE D . 26.95 -11.38 -10.13
O3 GWE D . 27.28 -10.98 -11.24
N1 GWE D . 27.64 -12.33 -9.39
C17 GWE D . 29.01 -12.61 -9.37
C18 GWE D . 29.47 -13.78 -8.51
C19 GWE D . 30.80 -14.10 -8.45
C20 GWE D . 31.82 -13.32 -9.22
C21 GWE D . 31.42 -12.27 -10.00
C22 GWE D . 29.97 -11.91 -10.08
C23 GWE D . 28.49 -14.62 -7.71
S1 GWE D . 33.55 -13.78 -9.12
N2 GWE D . 34.42 -12.53 -8.51
O4 GWE D . 33.69 -14.92 -8.23
O5 GWE D . 34.07 -14.09 -10.45
P PO4 E . -6.42 11.19 -24.96
O1 PO4 E . -5.55 12.20 -24.32
O2 PO4 E . -6.07 9.83 -24.46
O3 PO4 E . -7.84 11.49 -24.65
O4 PO4 E . -6.21 11.25 -26.43
#